data_7NS0
#
_entry.id   7NS0
#
_cell.length_a   1.00
_cell.length_b   1.00
_cell.length_c   1.00
_cell.angle_alpha   90.00
_cell.angle_beta   90.00
_cell.angle_gamma   90.00
#
_symmetry.space_group_name_H-M   'P 1'
#
_entity_poly.entity_id   1
_entity_poly.type   'polypeptide(L)'
_entity_poly.pdbx_seq_one_letter_code
;MVRRRGGKTAGSKRPKMSSKNFGANRKRDFRRPARKSKAKKARSMAPAKTVRKSTTAGAHSKHFSVIGNPFSKATQQPQI
PDGRMLESLPRRCQLVTEIRNNVTVGSNPTYILVAPSLGLAFQAYQDTNVPGGLDSSVYGLQNRGCTVRANLSATSIENY
NDIAKWRIVSQGINLKLNNVEDENDGWYEACRFQHDWTPDELCLRSTENDASTISQDEDLVMGVISSSFMNGALNTIGNN
MVEQRGYESGLLKNIHKRMFQLHNNTSAIRPKTLQGQFNYGSEITFSGTESEARFTDVPSNRQLVDSLWHNDYDCILIKL
YPRENTGAAGQTGSALIVNAIQNLELQYSPTSDLSTYHIANKRARMVEAKLDKKNNTDAAGEPFVPGSSR
;
_entity_poly.pdbx_strand_id   A1,B2,C3
#
# COMPACT_ATOMS: atom_id res chain seq x y z
CA PHE A 64 -12.24 3.45 -18.99
C PHE A 64 -12.24 4.65 -18.05
N SER A 65 -13.42 5.04 -17.56
CA SER A 65 -13.52 6.00 -16.48
C SER A 65 -14.30 5.45 -15.29
N VAL A 66 -15.45 4.84 -15.52
CA VAL A 66 -16.33 4.37 -14.46
C VAL A 66 -16.77 2.95 -14.78
N ILE A 67 -16.94 2.15 -13.73
CA ILE A 67 -17.38 0.77 -13.91
C ILE A 67 -18.85 0.72 -14.32
N GLY A 68 -19.24 -0.40 -14.92
CA GLY A 68 -20.55 -0.54 -15.52
C GLY A 68 -21.59 -1.17 -14.59
N ASN A 69 -22.79 -1.31 -15.14
CA ASN A 69 -23.93 -1.80 -14.39
C ASN A 69 -23.99 -3.32 -14.44
N PRO A 70 -23.87 -4.03 -13.31
CA PRO A 70 -23.90 -5.50 -13.37
C PRO A 70 -25.20 -6.07 -13.91
N PHE A 71 -26.31 -5.34 -13.83
CA PHE A 71 -27.60 -5.84 -14.26
C PHE A 71 -27.91 -5.46 -15.70
N SER A 72 -27.11 -4.58 -16.30
CA SER A 72 -27.32 -4.19 -17.69
C SER A 72 -27.16 -5.37 -18.62
N LYS A 73 -28.10 -5.49 -19.56
CA LYS A 73 -28.02 -6.50 -20.63
C LYS A 73 -27.43 -5.91 -21.90
N ALA A 74 -26.23 -5.35 -21.78
CA ALA A 74 -25.63 -4.65 -22.91
C ALA A 74 -24.12 -4.76 -22.84
N THR A 75 -23.56 -5.72 -23.56
CA THR A 75 -22.12 -5.84 -23.76
C THR A 75 -21.36 -5.70 -22.43
N GLN A 76 -21.59 -6.65 -21.55
CA GLN A 76 -21.06 -6.63 -20.20
C GLN A 76 -19.58 -7.03 -20.17
N GLN A 77 -18.70 -6.05 -19.99
CA GLN A 77 -17.27 -6.32 -19.96
C GLN A 77 -16.93 -7.27 -18.81
N PRO A 78 -16.17 -8.33 -19.07
CA PRO A 78 -15.70 -9.18 -17.96
C PRO A 78 -14.48 -8.64 -17.23
N GLN A 79 -13.74 -7.70 -17.82
CA GLN A 79 -12.56 -7.12 -17.19
C GLN A 79 -12.62 -5.60 -17.27
N ILE A 80 -11.65 -4.97 -16.60
CA ILE A 80 -11.40 -3.53 -16.73
C ILE A 80 -10.28 -3.36 -17.76
N PRO A 81 -10.53 -2.75 -18.90
CA PRO A 81 -9.55 -2.73 -19.98
C PRO A 81 -8.40 -1.74 -19.80
N ASP A 82 -7.82 -1.70 -18.60
CA ASP A 82 -6.80 -0.73 -18.27
C ASP A 82 -5.40 -1.31 -18.22
N GLY A 83 -5.24 -2.60 -18.44
CA GLY A 83 -3.92 -3.21 -18.36
C GLY A 83 -3.32 -3.30 -16.98
N ARG A 84 -4.12 -3.15 -15.92
CA ARG A 84 -3.57 -3.20 -14.57
C ARG A 84 -3.59 -4.60 -13.97
N MET A 85 -4.20 -5.58 -14.63
CA MET A 85 -4.24 -6.98 -14.17
C MET A 85 -4.06 -7.89 -15.39
N LEU A 86 -2.82 -8.21 -15.71
CA LEU A 86 -2.53 -9.05 -16.86
C LEU A 86 -2.87 -10.50 -16.54
N GLU A 87 -3.38 -11.20 -17.55
CA GLU A 87 -3.88 -12.59 -17.43
C GLU A 87 -4.75 -12.77 -16.18
N SER A 88 -5.70 -11.87 -16.00
CA SER A 88 -6.69 -12.04 -14.96
C SER A 88 -7.78 -13.00 -15.42
N LEU A 89 -8.65 -13.37 -14.48
CA LEU A 89 -9.81 -14.18 -14.79
C LEU A 89 -11.04 -13.54 -14.17
N PRO A 90 -12.20 -13.59 -14.84
CA PRO A 90 -13.42 -13.03 -14.24
C PRO A 90 -14.12 -14.03 -13.35
N ARG A 91 -14.97 -13.51 -12.47
CA ARG A 91 -15.75 -14.36 -11.59
C ARG A 91 -17.04 -13.64 -11.27
N ARG A 92 -18.16 -14.19 -11.74
CA ARG A 92 -19.49 -13.64 -11.48
C ARG A 92 -20.08 -14.35 -10.27
N CYS A 93 -20.43 -13.58 -9.24
CA CYS A 93 -21.00 -14.14 -8.02
C CYS A 93 -22.32 -13.45 -7.75
N GLN A 94 -23.39 -14.23 -7.74
CA GLN A 94 -24.75 -13.73 -7.61
C GLN A 94 -25.44 -14.44 -6.46
N LEU A 95 -26.21 -13.67 -5.69
CA LEU A 95 -27.05 -14.21 -4.64
C LEU A 95 -28.44 -13.62 -4.79
N VAL A 96 -29.46 -14.47 -4.74
CA VAL A 96 -30.85 -14.04 -4.76
C VAL A 96 -31.54 -14.59 -3.52
N THR A 97 -32.16 -13.69 -2.75
CA THR A 97 -32.85 -14.11 -1.54
C THR A 97 -33.91 -13.07 -1.18
N GLU A 98 -34.81 -13.48 -0.29
CA GLU A 98 -35.85 -12.60 0.23
C GLU A 98 -35.50 -12.18 1.66
N ILE A 99 -35.81 -10.93 2.00
CA ILE A 99 -35.61 -10.40 3.34
C ILE A 99 -36.84 -9.60 3.75
N ARG A 100 -36.93 -9.35 5.05
CA ARG A 100 -38.10 -8.73 5.66
C ARG A 100 -37.63 -8.06 6.94
N ASN A 101 -38.19 -6.88 7.25
CA ASN A 101 -37.86 -6.28 8.53
C ASN A 101 -38.51 -7.08 9.66
N ASN A 102 -37.83 -7.11 10.81
CA ASN A 102 -38.24 -7.95 11.93
C ASN A 102 -39.13 -7.13 12.87
N VAL A 103 -39.43 -7.71 14.04
CA VAL A 103 -40.38 -7.09 14.95
C VAL A 103 -39.71 -6.15 15.95
N THR A 104 -38.47 -6.45 16.37
CA THR A 104 -37.84 -5.63 17.39
C THR A 104 -37.51 -4.24 16.88
N VAL A 105 -37.13 -4.12 15.61
CA VAL A 105 -36.88 -2.80 15.05
C VAL A 105 -38.18 -1.99 15.03
N GLY A 106 -39.32 -2.65 14.94
CA GLY A 106 -40.59 -1.96 15.05
C GLY A 106 -40.80 -0.98 13.92
N SER A 107 -41.21 0.24 14.26
CA SER A 107 -41.43 1.29 13.28
C SER A 107 -40.17 2.11 13.02
N ASN A 108 -39.01 1.59 13.38
CA ASN A 108 -37.77 2.28 13.06
C ASN A 108 -37.29 1.92 11.65
N PRO A 109 -36.45 2.75 11.06
CA PRO A 109 -35.89 2.44 9.74
C PRO A 109 -34.96 1.23 9.77
N THR A 110 -34.91 0.53 8.65
CA THR A 110 -33.94 -0.54 8.41
C THR A 110 -33.01 -0.12 7.29
N TYR A 111 -31.94 -0.88 7.10
CA TYR A 111 -30.90 -0.49 6.15
C TYR A 111 -30.43 -1.70 5.35
N ILE A 112 -30.03 -1.42 4.12
CA ILE A 112 -29.29 -2.36 3.28
C ILE A 112 -27.98 -1.67 2.92
N LEU A 113 -26.87 -2.27 3.32
CA LEU A 113 -25.55 -1.79 2.95
C LEU A 113 -24.98 -2.67 1.84
N VAL A 114 -24.48 -2.06 0.79
CA VAL A 114 -23.70 -2.73 -0.24
C VAL A 114 -22.31 -2.12 -0.22
N ALA A 115 -21.31 -2.95 0.01
CA ALA A 115 -19.94 -2.49 0.24
C ALA A 115 -18.97 -3.25 -0.65
N PRO A 116 -17.79 -2.68 -0.91
CA PRO A 116 -16.81 -3.32 -1.79
C PRO A 116 -15.98 -4.40 -1.09
N SER A 117 -16.54 -4.97 -0.02
CA SER A 117 -15.92 -6.06 0.70
C SER A 117 -15.88 -7.34 -0.13
N LEU A 118 -14.75 -8.03 -0.06
CA LEU A 118 -14.58 -9.29 -0.79
C LEU A 118 -15.58 -10.35 -0.34
N GLY A 119 -16.41 -10.80 -1.27
CA GLY A 119 -17.31 -11.90 -1.04
C GLY A 119 -18.65 -11.57 -0.41
N LEU A 120 -18.93 -10.31 -0.09
CA LEU A 120 -20.15 -9.92 0.60
C LEU A 120 -21.18 -9.41 -0.42
N ALA A 121 -22.35 -10.07 -0.47
CA ALA A 121 -23.43 -9.60 -1.33
C ALA A 121 -24.04 -8.31 -0.80
N PHE A 122 -24.36 -8.27 0.49
CA PHE A 122 -24.91 -7.10 1.15
C PHE A 122 -25.10 -7.43 2.62
N GLN A 123 -25.21 -6.37 3.43
CA GLN A 123 -25.52 -6.46 4.85
C GLN A 123 -26.83 -5.74 5.09
N ALA A 124 -27.71 -6.37 5.86
CA ALA A 124 -29.05 -5.83 6.11
C ALA A 124 -29.24 -5.66 7.61
N TYR A 125 -29.72 -4.47 8.00
CA TYR A 125 -29.92 -4.15 9.41
C TYR A 125 -31.34 -4.51 9.84
N GLN A 126 -31.44 -5.39 10.83
CA GLN A 126 -32.69 -5.74 11.52
C GLN A 126 -33.72 -6.37 10.59
N ASP A 127 -33.32 -7.44 9.92
CA ASP A 127 -34.26 -8.30 9.22
C ASP A 127 -34.49 -9.58 10.01
N THR A 128 -35.44 -10.40 9.57
CA THR A 128 -35.85 -11.54 10.37
C THR A 128 -34.78 -12.62 10.47
N ASN A 129 -33.72 -12.53 9.68
CA ASN A 129 -32.65 -13.52 9.65
C ASN A 129 -31.50 -13.21 10.61
N VAL A 130 -31.61 -12.17 11.43
CA VAL A 130 -30.43 -11.77 12.22
C VAL A 130 -30.06 -12.89 13.19
N PRO A 131 -28.79 -13.28 13.27
CA PRO A 131 -28.42 -14.47 14.06
C PRO A 131 -28.30 -14.15 15.54
N GLY A 132 -28.88 -15.01 16.37
CA GLY A 132 -28.78 -14.87 17.81
C GLY A 132 -28.91 -13.44 18.29
N GLY A 133 -27.88 -12.93 18.95
CA GLY A 133 -27.91 -11.60 19.51
C GLY A 133 -27.29 -10.51 18.66
N LEU A 134 -27.04 -10.78 17.38
CA LEU A 134 -26.59 -9.75 16.46
C LEU A 134 -27.80 -9.08 15.81
N ASP A 135 -27.60 -7.82 15.41
CA ASP A 135 -28.69 -7.01 14.88
C ASP A 135 -28.60 -6.81 13.37
N SER A 136 -27.66 -7.46 12.71
CA SER A 136 -27.56 -7.37 11.26
C SER A 136 -27.27 -8.75 10.69
N SER A 137 -27.65 -8.93 9.44
CA SER A 137 -27.39 -10.16 8.70
C SER A 137 -26.42 -9.88 7.58
N VAL A 138 -25.47 -10.76 7.40
CA VAL A 138 -24.55 -10.70 6.28
C VAL A 138 -24.95 -11.75 5.27
N TYR A 139 -24.83 -11.41 4.00
CA TYR A 139 -25.12 -12.33 2.92
C TYR A 139 -23.87 -12.42 2.04
N GLY A 140 -23.35 -13.63 1.86
CA GLY A 140 -22.05 -13.84 1.26
C GLY A 140 -22.12 -14.72 0.03
N LEU A 141 -21.02 -14.73 -0.71
CA LEU A 141 -20.86 -15.51 -1.93
C LEU A 141 -19.79 -16.58 -1.75
N GLN A 142 -19.82 -17.28 -0.62
CA GLN A 142 -18.83 -18.33 -0.35
C GLN A 142 -18.90 -19.46 -1.36
N ASN A 143 -20.09 -19.79 -1.87
CA ASN A 143 -20.22 -20.90 -2.80
C ASN A 143 -19.52 -20.63 -4.13
N ARG A 144 -19.11 -19.40 -4.38
CA ARG A 144 -18.41 -19.05 -5.61
C ARG A 144 -16.90 -18.94 -5.42
N GLY A 145 -16.39 -19.35 -4.26
CA GLY A 145 -14.96 -19.37 -4.04
C GLY A 145 -14.31 -18.01 -4.09
N CYS A 146 -14.84 -17.06 -3.33
CA CYS A 146 -14.31 -15.70 -3.29
C CYS A 146 -14.24 -15.21 -1.86
N THR A 147 -13.92 -16.09 -0.93
CA THR A 147 -13.88 -15.76 0.48
C THR A 147 -12.61 -16.32 1.13
N VAL A 148 -12.37 -15.85 2.34
CA VAL A 148 -11.35 -16.41 3.22
C VAL A 148 -12.05 -17.13 4.36
N ARG A 149 -11.30 -17.94 5.10
CA ARG A 149 -11.90 -18.72 6.16
C ARG A 149 -11.04 -18.64 7.43
N ALA A 150 -11.65 -19.03 8.54
CA ALA A 150 -10.97 -18.98 9.83
C ALA A 150 -10.11 -20.22 10.03
N ASN A 151 -8.80 -20.02 10.13
CA ASN A 151 -7.88 -21.09 10.54
C ASN A 151 -7.53 -20.87 12.01
N LEU A 152 -8.47 -21.23 12.88
CA LEU A 152 -8.27 -20.99 14.30
C LEU A 152 -7.08 -21.78 14.86
N SER A 153 -6.85 -22.99 14.36
CA SER A 153 -5.76 -23.80 14.89
C SER A 153 -4.39 -23.25 14.53
N ALA A 154 -4.30 -22.42 13.49
CA ALA A 154 -3.10 -21.64 13.22
C ALA A 154 -3.25 -20.18 13.63
N THR A 155 -4.41 -19.79 14.19
CA THR A 155 -4.76 -18.41 14.51
C THR A 155 -4.48 -17.48 13.34
N SER A 156 -4.98 -17.84 12.17
CA SER A 156 -4.78 -17.04 10.97
C SER A 156 -6.03 -17.05 10.09
N ILE A 157 -6.12 -16.04 9.24
CA ILE A 157 -7.16 -15.95 8.23
C ILE A 157 -6.60 -16.57 6.96
N GLU A 158 -7.24 -17.63 6.49
CA GLU A 158 -6.68 -18.50 5.45
C GLU A 158 -7.27 -18.15 4.10
N ASN A 159 -6.41 -17.76 3.16
CA ASN A 159 -6.80 -17.52 1.77
C ASN A 159 -6.73 -18.84 1.00
N TYR A 160 -7.63 -19.75 1.38
CA TYR A 160 -7.63 -21.10 0.84
C TYR A 160 -8.09 -21.19 -0.62
N ASN A 161 -8.69 -20.14 -1.16
CA ASN A 161 -9.03 -20.10 -2.58
C ASN A 161 -7.89 -19.60 -3.45
N ASP A 162 -6.74 -19.30 -2.86
CA ASP A 162 -5.53 -18.93 -3.59
C ASP A 162 -5.77 -17.72 -4.51
N ILE A 163 -6.40 -16.68 -3.97
CA ILE A 163 -6.52 -15.42 -4.67
C ILE A 163 -5.28 -14.59 -4.35
N ALA A 164 -4.52 -14.24 -5.38
CA ALA A 164 -3.34 -13.42 -5.17
C ALA A 164 -3.68 -11.94 -5.17
N LYS A 165 -4.61 -11.52 -6.03
CA LYS A 165 -4.95 -10.11 -6.22
C LYS A 165 -6.37 -10.01 -6.74
N TRP A 166 -7.10 -8.97 -6.32
CA TRP A 166 -8.49 -8.85 -6.74
C TRP A 166 -8.90 -7.40 -6.87
N ARG A 167 -9.87 -7.17 -7.75
CA ARG A 167 -10.61 -5.92 -7.81
C ARG A 167 -12.02 -6.24 -8.29
N ILE A 168 -12.89 -5.26 -8.22
CA ILE A 168 -14.28 -5.42 -8.61
C ILE A 168 -14.46 -4.86 -10.02
N VAL A 169 -15.16 -5.61 -10.86
CA VAL A 169 -15.53 -5.13 -12.18
C VAL A 169 -16.88 -4.42 -12.16
N SER A 170 -17.88 -4.99 -11.48
CA SER A 170 -19.14 -4.31 -11.23
C SER A 170 -19.81 -4.98 -10.03
N GLN A 171 -20.64 -4.21 -9.33
CA GLN A 171 -21.35 -4.74 -8.17
C GLN A 171 -22.63 -3.94 -7.95
N GLY A 172 -23.62 -4.58 -7.35
CA GLY A 172 -24.81 -3.86 -6.93
C GLY A 172 -25.95 -4.80 -6.60
N ILE A 173 -27.10 -4.20 -6.31
CA ILE A 173 -28.30 -4.94 -5.95
C ILE A 173 -29.49 -4.39 -6.71
N ASN A 174 -30.46 -5.24 -6.94
CA ASN A 174 -31.78 -4.86 -7.38
C ASN A 174 -32.79 -5.45 -6.39
N LEU A 175 -33.76 -4.65 -5.99
CA LEU A 175 -34.74 -5.03 -4.99
C LEU A 175 -36.12 -4.99 -5.61
N LYS A 176 -36.95 -5.98 -5.28
CA LYS A 176 -38.33 -6.02 -5.74
C LYS A 176 -39.24 -6.24 -4.54
N LEU A 177 -40.27 -5.41 -4.41
CA LEU A 177 -41.25 -5.57 -3.33
C LEU A 177 -42.13 -6.80 -3.59
N ASN A 178 -42.28 -7.64 -2.58
CA ASN A 178 -43.05 -8.87 -2.71
C ASN A 178 -44.18 -8.91 -1.68
N ASN A 179 -44.94 -7.83 -1.59
CA ASN A 179 -46.14 -7.77 -0.77
C ASN A 179 -47.36 -7.77 -1.67
N VAL A 180 -48.52 -8.07 -1.09
CA VAL A 180 -49.78 -7.99 -1.84
C VAL A 180 -50.14 -6.52 -2.01
N GLU A 181 -51.09 -6.23 -2.92
CA GLU A 181 -51.32 -4.85 -3.31
C GLU A 181 -51.92 -4.00 -2.19
N ASP A 182 -52.65 -4.62 -1.25
CA ASP A 182 -53.20 -3.86 -0.13
C ASP A 182 -52.24 -3.82 1.06
N GLU A 183 -50.96 -4.14 0.84
CA GLU A 183 -49.92 -3.99 1.86
C GLU A 183 -48.63 -3.47 1.25
N ASN A 184 -48.71 -2.64 0.22
CA ASN A 184 -47.55 -2.27 -0.57
C ASN A 184 -47.09 -0.84 -0.31
N ASP A 185 -47.26 -0.36 0.91
CA ASP A 185 -46.80 0.98 1.28
C ASP A 185 -45.34 0.92 1.72
N GLY A 186 -44.76 2.09 1.98
CA GLY A 186 -43.37 2.18 2.39
C GLY A 186 -42.54 2.97 1.41
N TRP A 187 -41.38 3.44 1.84
CA TRP A 187 -40.53 4.25 0.98
C TRP A 187 -39.09 4.12 1.48
N TYR A 188 -38.17 4.67 0.70
CA TYR A 188 -36.75 4.45 0.90
C TYR A 188 -35.98 5.68 0.49
N GLU A 189 -34.77 5.80 1.02
CA GLU A 189 -33.79 6.78 0.59
C GLU A 189 -32.50 6.04 0.29
N ALA A 190 -31.80 6.43 -0.78
CA ALA A 190 -30.59 5.74 -1.19
C ALA A 190 -29.51 6.75 -1.57
N CYS A 191 -28.27 6.44 -1.20
CA CYS A 191 -27.13 7.26 -1.56
C CYS A 191 -25.89 6.38 -1.66
N ARG A 192 -24.84 6.96 -2.25
CA ARG A 192 -23.51 6.37 -2.23
C ARG A 192 -22.56 7.32 -1.50
N PHE A 193 -21.48 6.76 -0.95
CA PHE A 193 -20.57 7.56 -0.14
C PHE A 193 -19.20 6.90 -0.09
N GLN A 194 -18.24 7.64 0.44
CA GLN A 194 -16.82 7.28 0.49
C GLN A 194 -16.28 7.50 1.91
N HIS A 195 -16.91 6.84 2.89
CA HIS A 195 -16.49 6.96 4.28
C HIS A 195 -15.00 6.68 4.47
N ASP A 196 -14.42 7.35 5.46
CA ASP A 196 -13.01 7.12 5.85
C ASP A 196 -12.99 6.09 6.98
N TRP A 197 -13.18 4.84 6.59
CA TRP A 197 -13.38 3.76 7.55
C TRP A 197 -12.20 3.62 8.50
N THR A 198 -12.50 3.30 9.75
CA THR A 198 -11.52 2.89 10.75
C THR A 198 -11.74 1.44 11.12
N PRO A 199 -10.69 0.65 11.36
CA PRO A 199 -10.89 -0.79 11.55
C PRO A 199 -11.75 -1.17 12.74
N ASP A 200 -11.88 -0.31 13.75
CA ASP A 200 -12.79 -0.62 14.85
C ASP A 200 -14.26 -0.47 14.47
N GLU A 201 -14.56 0.16 13.33
CA GLU A 201 -15.94 0.17 12.84
C GLU A 201 -16.29 -1.09 12.06
N LEU A 202 -15.30 -1.90 11.69
CA LEU A 202 -15.50 -3.08 10.88
C LEU A 202 -15.35 -4.33 11.73
N CYS A 203 -15.62 -5.48 11.12
CA CYS A 203 -15.59 -6.74 11.83
C CYS A 203 -15.53 -7.87 10.82
N LEU A 204 -15.26 -9.06 11.34
CA LEU A 204 -15.37 -10.29 10.59
C LEU A 204 -16.66 -10.99 10.98
N ARG A 205 -17.33 -11.58 9.99
CA ARG A 205 -18.61 -12.23 10.19
C ARG A 205 -18.60 -13.56 9.47
N SER A 206 -19.17 -14.58 10.10
CA SER A 206 -19.28 -15.87 9.44
C SER A 206 -20.40 -15.81 8.40
N THR A 207 -20.08 -16.17 7.17
CA THR A 207 -21.09 -16.15 6.11
C THR A 207 -22.27 -17.06 6.43
N GLU A 208 -22.06 -18.04 7.32
CA GLU A 208 -23.15 -18.90 7.75
C GLU A 208 -24.30 -18.09 8.31
N ASN A 209 -24.01 -16.93 8.92
CA ASN A 209 -25.03 -16.04 9.44
C ASN A 209 -25.88 -16.74 10.50
N ASP A 210 -25.22 -17.54 11.33
CA ASP A 210 -25.88 -18.38 12.33
C ASP A 210 -25.56 -17.88 13.73
N ALA A 211 -26.21 -18.51 14.72
CA ALA A 211 -26.11 -18.11 16.11
C ALA A 211 -25.13 -18.97 16.89
N SER A 212 -24.04 -19.38 16.25
CA SER A 212 -22.96 -20.09 16.91
C SER A 212 -21.66 -19.30 16.74
N THR A 213 -20.63 -19.76 17.42
CA THR A 213 -19.34 -19.09 17.38
C THR A 213 -18.54 -19.53 16.15
N ILE A 214 -17.60 -18.67 15.74
CA ILE A 214 -16.78 -18.94 14.57
C ILE A 214 -15.90 -20.16 14.84
N SER A 215 -16.02 -21.17 13.99
CA SER A 215 -15.32 -22.44 14.13
C SER A 215 -14.17 -22.54 13.14
N GLN A 216 -13.50 -23.69 13.16
CA GLN A 216 -12.38 -23.92 12.27
C GLN A 216 -12.84 -23.99 10.82
N ASP A 217 -12.15 -23.26 9.95
CA ASP A 217 -12.42 -23.22 8.51
C ASP A 217 -13.78 -22.61 8.18
N GLU A 218 -14.34 -21.82 9.08
CA GLU A 218 -15.59 -21.12 8.80
C GLU A 218 -15.36 -19.98 7.83
N ASP A 219 -16.21 -19.88 6.82
CA ASP A 219 -16.07 -18.83 5.82
C ASP A 219 -16.42 -17.46 6.41
N LEU A 220 -15.63 -16.45 6.05
CA LEU A 220 -15.74 -15.12 6.63
C LEU A 220 -15.87 -14.06 5.54
N VAL A 221 -16.63 -13.03 5.85
CA VAL A 221 -16.67 -11.78 5.08
C VAL A 221 -16.48 -10.62 6.05
N MET A 222 -15.87 -9.56 5.55
CA MET A 222 -15.71 -8.33 6.32
C MET A 222 -16.94 -7.46 6.13
N GLY A 223 -17.65 -7.17 7.21
CA GLY A 223 -18.77 -6.25 7.19
C GLY A 223 -18.61 -5.24 8.32
N VAL A 224 -19.61 -4.39 8.46
CA VAL A 224 -19.61 -3.38 9.49
C VAL A 224 -20.20 -3.95 10.77
N ILE A 225 -19.81 -3.39 11.92
CA ILE A 225 -20.45 -3.78 13.17
C ILE A 225 -21.90 -3.33 13.12
N SER A 226 -22.78 -4.13 13.71
CA SER A 226 -24.21 -3.86 13.63
C SER A 226 -24.58 -2.53 14.30
N SER A 227 -23.85 -2.13 15.33
CA SER A 227 -24.19 -0.89 16.04
C SER A 227 -23.87 0.35 15.24
N SER A 228 -23.20 0.22 14.08
CA SER A 228 -22.99 1.37 13.21
C SER A 228 -24.31 1.92 12.68
N PHE A 229 -25.25 1.02 12.35
CA PHE A 229 -26.55 1.46 11.82
C PHE A 229 -27.36 2.20 12.86
N MET A 230 -27.12 1.95 14.14
CA MET A 230 -27.93 2.48 15.22
C MET A 230 -27.34 3.76 15.78
N ASN A 231 -26.05 3.77 16.08
CA ASN A 231 -25.42 4.93 16.70
C ASN A 231 -24.02 5.21 16.15
N GLY A 232 -23.69 4.72 14.96
CA GLY A 232 -22.37 4.94 14.39
C GLY A 232 -22.39 5.66 13.07
N ALA A 233 -21.33 5.43 12.27
CA ALA A 233 -21.15 6.19 11.03
C ALA A 233 -22.33 6.02 10.08
N LEU A 234 -22.87 4.81 9.97
CA LEU A 234 -23.94 4.59 9.01
C LEU A 234 -25.22 5.30 9.44
N ASN A 235 -25.54 5.27 10.73
CA ASN A 235 -26.67 6.04 11.24
C ASN A 235 -26.49 7.52 10.96
N THR A 236 -25.27 8.03 11.20
CA THR A 236 -24.97 9.43 10.90
C THR A 236 -25.14 9.73 9.43
N ILE A 237 -24.66 8.85 8.56
CA ILE A 237 -24.90 9.02 7.13
C ILE A 237 -26.38 8.86 6.83
N GLY A 238 -27.04 7.89 7.48
CA GLY A 238 -28.44 7.68 7.23
C GLY A 238 -29.30 8.86 7.62
N ASN A 239 -28.83 9.67 8.56
CA ASN A 239 -29.57 10.85 8.99
C ASN A 239 -29.31 12.07 8.12
N ASN A 240 -28.41 11.99 7.16
CA ASN A 240 -27.97 13.13 6.37
C ASN A 240 -27.86 12.74 4.90
N MET A 241 -28.84 12.02 4.39
CA MET A 241 -28.72 11.40 3.07
C MET A 241 -28.76 12.42 1.94
N VAL A 242 -29.51 13.51 2.09
CA VAL A 242 -29.62 14.46 0.98
C VAL A 242 -28.29 15.14 0.70
N GLU A 243 -27.44 15.31 1.72
CA GLU A 243 -26.13 15.88 1.50
C GLU A 243 -25.23 14.96 0.66
N GLN A 244 -25.54 13.67 0.60
CA GLN A 244 -24.67 12.69 -0.03
C GLN A 244 -24.87 12.65 -1.54
N ARG A 245 -23.86 12.15 -2.24
CA ARG A 245 -23.92 12.00 -3.67
C ARG A 245 -24.91 10.90 -4.08
N GLY A 246 -25.43 11.03 -5.30
CA GLY A 246 -26.36 10.05 -5.83
C GLY A 246 -27.64 9.90 -5.05
N TYR A 247 -28.07 10.94 -4.35
CA TYR A 247 -29.27 10.82 -3.53
C TYR A 247 -30.49 10.57 -4.39
N GLU A 248 -31.32 9.62 -3.95
CA GLU A 248 -32.61 9.37 -4.55
C GLU A 248 -33.55 8.93 -3.43
N SER A 249 -34.84 9.00 -3.72
CA SER A 249 -35.85 8.46 -2.83
C SER A 249 -37.03 8.05 -3.68
N GLY A 250 -37.94 7.29 -3.09
CA GLY A 250 -39.09 6.82 -3.82
C GLY A 250 -39.94 5.93 -2.93
N LEU A 251 -40.97 5.37 -3.55
CA LEU A 251 -41.82 4.40 -2.89
C LEU A 251 -41.26 3.00 -3.11
N LEU A 252 -41.45 2.13 -2.12
CA LEU A 252 -40.95 0.77 -2.23
C LEU A 252 -41.65 0.01 -3.34
N LYS A 253 -42.94 0.27 -3.57
CA LYS A 253 -43.67 -0.40 -4.64
C LYS A 253 -43.13 -0.07 -6.02
N ASN A 254 -42.19 0.86 -6.13
CA ASN A 254 -41.55 1.19 -7.39
C ASN A 254 -40.06 0.89 -7.39
N ILE A 255 -39.52 0.32 -6.31
CA ILE A 255 -38.07 0.14 -6.23
C ILE A 255 -37.58 -0.90 -7.24
N HIS A 256 -38.46 -1.77 -7.73
CA HIS A 256 -38.04 -2.78 -8.70
C HIS A 256 -37.39 -2.17 -9.92
N LYS A 257 -37.60 -0.88 -10.17
CA LYS A 257 -37.05 -0.21 -11.35
C LYS A 257 -35.63 0.31 -11.14
N ARG A 258 -35.02 0.14 -9.97
CA ARG A 258 -33.73 0.73 -9.67
C ARG A 258 -32.65 -0.33 -9.66
N MET A 259 -31.63 -0.14 -10.50
CA MET A 259 -30.44 -0.99 -10.49
C MET A 259 -29.32 -0.22 -9.78
N PHE A 260 -29.25 -0.39 -8.45
CA PHE A 260 -28.19 0.21 -7.66
C PHE A 260 -26.83 -0.42 -7.98
N GLN A 261 -25.80 0.42 -8.07
CA GLN A 261 -24.48 -0.05 -8.50
C GLN A 261 -23.39 0.76 -7.82
N LEU A 262 -22.34 0.07 -7.39
CA LEU A 262 -21.17 0.72 -6.81
C LEU A 262 -20.46 1.58 -7.84
N HIS A 263 -19.86 2.65 -7.37
CA HIS A 263 -19.01 3.52 -8.17
C HIS A 263 -17.59 3.44 -7.67
N ASN A 264 -16.64 3.49 -8.59
CA ASN A 264 -15.23 3.65 -8.25
C ASN A 264 -14.93 5.14 -8.13
N ASN A 265 -14.08 5.49 -7.17
CA ASN A 265 -13.68 6.87 -6.96
C ASN A 265 -12.35 7.21 -7.63
N THR A 266 -11.84 6.32 -8.47
CA THR A 266 -10.66 6.56 -9.28
C THR A 266 -10.78 5.76 -10.57
N SER A 267 -10.23 6.30 -11.66
CA SER A 267 -10.15 5.56 -12.91
C SER A 267 -8.95 4.63 -12.98
N ALA A 268 -8.08 4.63 -11.97
CA ALA A 268 -6.93 3.72 -11.91
C ALA A 268 -7.12 2.85 -10.68
N ILE A 269 -7.91 1.78 -10.83
CA ILE A 269 -8.21 0.89 -9.72
C ILE A 269 -7.08 -0.15 -9.63
N ARG A 270 -6.33 -0.09 -8.55
CA ARG A 270 -5.26 -1.06 -8.38
C ARG A 270 -5.74 -2.23 -7.55
N PRO A 271 -5.41 -3.46 -7.93
CA PRO A 271 -5.91 -4.62 -7.18
C PRO A 271 -5.37 -4.64 -5.76
N LYS A 272 -6.20 -5.15 -4.84
CA LYS A 272 -5.74 -5.48 -3.50
C LYS A 272 -5.00 -6.82 -3.52
N THR A 273 -4.09 -6.99 -2.56
CA THR A 273 -3.31 -8.21 -2.45
C THR A 273 -3.75 -9.02 -1.23
N LEU A 274 -3.51 -10.32 -1.30
CA LEU A 274 -3.82 -11.22 -0.20
C LEU A 274 -2.64 -12.15 0.05
N GLN A 275 -2.39 -12.45 1.32
CA GLN A 275 -1.45 -13.51 1.68
C GLN A 275 -2.20 -14.83 1.77
N GLY A 276 -1.45 -15.93 1.66
CA GLY A 276 -2.02 -17.25 1.87
C GLY A 276 -2.46 -17.45 3.31
N GLN A 277 -1.68 -16.98 4.26
CA GLN A 277 -2.07 -16.93 5.66
C GLN A 277 -1.86 -15.52 6.17
N PHE A 278 -2.80 -15.05 6.98
CA PHE A 278 -2.72 -13.75 7.64
C PHE A 278 -2.83 -14.01 9.13
N ASN A 279 -1.68 -14.12 9.80
CA ASN A 279 -1.66 -14.43 11.22
C ASN A 279 -2.07 -13.22 12.03
N TYR A 280 -2.84 -13.45 13.09
CA TYR A 280 -3.30 -12.39 13.97
C TYR A 280 -2.99 -12.75 15.41
N GLY A 281 -2.90 -11.72 16.25
CA GLY A 281 -2.76 -11.88 17.68
C GLY A 281 -4.04 -11.53 18.40
N SER A 282 -3.90 -10.90 19.57
CA SER A 282 -5.06 -10.56 20.39
C SER A 282 -5.88 -9.42 19.83
N GLU A 283 -5.40 -8.72 18.80
CA GLU A 283 -6.13 -7.60 18.24
C GLU A 283 -7.42 -8.01 17.54
N ILE A 284 -7.64 -9.30 17.31
CA ILE A 284 -8.90 -9.82 16.79
C ILE A 284 -9.55 -10.65 17.89
N THR A 285 -10.68 -10.19 18.40
CA THR A 285 -11.41 -10.86 19.46
C THR A 285 -12.60 -11.62 18.87
N PHE A 286 -12.61 -12.93 19.05
CA PHE A 286 -13.71 -13.75 18.58
C PHE A 286 -14.78 -13.84 19.66
N SER A 287 -16.01 -13.56 19.28
CA SER A 287 -17.10 -13.59 20.24
C SER A 287 -17.23 -14.98 20.84
N GLY A 288 -17.49 -15.02 22.15
CA GLY A 288 -17.76 -16.30 22.79
C GLY A 288 -19.03 -16.94 22.29
N THR A 289 -20.04 -16.13 21.97
CA THR A 289 -21.37 -16.62 21.65
C THR A 289 -21.83 -16.30 20.23
N GLU A 290 -21.28 -15.30 19.56
CA GLU A 290 -21.79 -14.84 18.28
C GLU A 290 -20.83 -15.20 17.14
N SER A 291 -21.37 -15.17 15.92
CA SER A 291 -20.61 -15.49 14.73
C SER A 291 -19.92 -14.26 14.16
N GLU A 292 -19.17 -13.58 15.03
CA GLU A 292 -18.57 -12.29 14.70
C GLU A 292 -17.25 -12.17 15.45
N ALA A 293 -16.27 -11.55 14.81
CA ALA A 293 -14.99 -11.23 15.42
C ALA A 293 -14.73 -9.73 15.26
N ARG A 294 -14.26 -9.10 16.33
CA ARG A 294 -14.08 -7.65 16.38
C ARG A 294 -12.62 -7.24 16.28
N PHE A 295 -12.42 -5.97 15.92
CA PHE A 295 -11.09 -5.39 15.70
C PHE A 295 -10.85 -4.22 16.64
N THR A 296 -9.59 -4.05 17.05
CA THR A 296 -9.06 -2.79 17.54
C THR A 296 -8.29 -2.10 16.42
N ASP A 297 -8.04 -0.81 16.56
CA ASP A 297 -7.37 -0.05 15.50
C ASP A 297 -5.86 -0.11 15.70
N VAL A 298 -5.25 -1.13 15.13
CA VAL A 298 -3.80 -1.35 15.26
C VAL A 298 -3.25 -1.73 13.89
N PRO A 299 -1.93 -1.62 13.72
CA PRO A 299 -1.37 -1.80 12.37
C PRO A 299 -1.80 -3.09 11.70
N SER A 300 -1.89 -4.18 12.44
CA SER A 300 -2.25 -5.46 11.85
C SER A 300 -3.66 -5.43 11.27
N ASN A 301 -4.63 -4.94 12.05
CA ASN A 301 -6.02 -4.90 11.59
C ASN A 301 -6.17 -3.98 10.39
N ARG A 302 -5.47 -2.85 10.38
CA ARG A 302 -5.45 -2.01 9.19
C ARG A 302 -4.96 -2.79 7.98
N GLN A 303 -3.93 -3.63 8.15
CA GLN A 303 -3.41 -4.38 7.01
C GLN A 303 -4.41 -5.45 6.54
N LEU A 304 -5.18 -6.02 7.46
CA LEU A 304 -6.21 -6.96 7.05
C LEU A 304 -7.37 -6.24 6.37
N VAL A 305 -7.76 -5.09 6.90
CA VAL A 305 -8.82 -4.30 6.28
C VAL A 305 -8.43 -3.96 4.85
N ASP A 306 -7.17 -3.60 4.62
CA ASP A 306 -6.74 -3.20 3.29
C ASP A 306 -6.83 -4.33 2.27
N SER A 307 -6.82 -5.59 2.71
CA SER A 307 -6.84 -6.69 1.77
C SER A 307 -8.24 -7.24 1.50
N LEU A 308 -9.23 -6.93 2.34
CA LEU A 308 -10.58 -7.43 2.14
C LEU A 308 -11.59 -6.35 1.79
N TRP A 309 -11.22 -5.08 1.88
CA TRP A 309 -12.14 -3.98 1.64
C TRP A 309 -11.48 -3.06 0.62
N HIS A 310 -11.97 -3.08 -0.61
CA HIS A 310 -11.40 -2.26 -1.67
C HIS A 310 -11.93 -0.84 -1.54
N ASN A 311 -11.09 0.07 -1.06
CA ASN A 311 -11.45 1.46 -0.83
C ASN A 311 -11.28 2.32 -2.08
N ASP A 312 -10.98 1.74 -3.24
CA ASP A 312 -11.13 2.44 -4.49
C ASP A 312 -12.60 2.53 -4.95
N TYR A 313 -13.51 1.97 -4.17
CA TYR A 313 -14.93 2.02 -4.49
C TYR A 313 -15.69 2.66 -3.34
N ASP A 314 -16.84 3.23 -3.68
CA ASP A 314 -17.75 3.82 -2.70
C ASP A 314 -18.78 2.77 -2.28
N CYS A 315 -19.36 2.98 -1.10
CA CYS A 315 -20.42 2.10 -0.62
C CYS A 315 -21.79 2.67 -0.99
N ILE A 316 -22.81 1.83 -0.86
CA ILE A 316 -24.20 2.22 -1.06
C ILE A 316 -24.97 1.95 0.22
N LEU A 317 -25.68 2.96 0.70
CA LEU A 317 -26.60 2.82 1.82
C LEU A 317 -28.02 3.03 1.30
N ILE A 318 -28.89 2.07 1.56
CA ILE A 318 -30.31 2.19 1.29
C ILE A 318 -31.03 2.22 2.63
N LYS A 319 -31.67 3.34 2.93
CA LYS A 319 -32.46 3.48 4.14
C LYS A 319 -33.92 3.18 3.78
N LEU A 320 -34.52 2.26 4.53
CA LEU A 320 -35.87 1.80 4.25
C LEU A 320 -36.82 2.24 5.37
N TYR A 321 -38.00 2.70 4.97
CA TYR A 321 -39.10 3.02 5.88
C TYR A 321 -40.24 2.08 5.50
N PRO A 322 -40.23 0.85 5.99
CA PRO A 322 -41.17 -0.16 5.50
C PRO A 322 -42.46 -0.26 6.31
N ARG A 323 -43.39 -1.05 5.78
CA ARG A 323 -44.55 -1.47 6.55
C ARG A 323 -44.07 -2.20 7.81
N GLU A 324 -44.74 -1.92 8.92
CA GLU A 324 -44.29 -2.47 10.20
C GLU A 324 -44.53 -3.97 10.25
N ASN A 325 -43.57 -4.67 10.84
CA ASN A 325 -43.71 -6.09 11.17
C ASN A 325 -44.03 -6.17 12.67
N THR A 326 -45.28 -6.46 12.99
CA THR A 326 -45.69 -6.77 14.35
C THR A 326 -45.92 -8.25 14.57
N GLY A 327 -45.72 -9.08 13.54
CA GLY A 327 -45.95 -10.49 13.62
C GLY A 327 -47.37 -10.93 13.26
N ALA A 328 -48.31 -10.01 13.18
CA ALA A 328 -49.71 -10.34 12.99
C ALA A 328 -50.07 -10.37 11.52
N ALA A 329 -51.32 -10.76 11.24
CA ALA A 329 -51.80 -10.87 9.87
C ALA A 329 -51.96 -9.49 9.25
N GLY A 330 -51.42 -9.33 8.05
CA GLY A 330 -51.45 -8.05 7.36
C GLY A 330 -50.44 -7.04 7.87
N GLN A 331 -49.67 -7.38 8.90
CA GLN A 331 -48.65 -6.52 9.49
C GLN A 331 -47.34 -7.29 9.65
N THR A 332 -46.93 -7.95 8.57
CA THR A 332 -45.75 -8.80 8.57
C THR A 332 -44.58 -8.16 7.82
N GLY A 333 -44.48 -6.84 7.82
CA GLY A 333 -43.35 -6.17 7.23
C GLY A 333 -43.45 -5.99 5.72
N SER A 334 -42.31 -5.59 5.14
CA SER A 334 -42.14 -5.49 3.70
C SER A 334 -41.11 -6.53 3.26
N ALA A 335 -41.54 -7.46 2.42
CA ALA A 335 -40.63 -8.47 1.89
C ALA A 335 -39.97 -7.93 0.63
N LEU A 336 -38.65 -8.05 0.56
CA LEU A 336 -37.86 -7.61 -0.58
C LEU A 336 -37.11 -8.80 -1.15
N ILE A 337 -37.22 -9.00 -2.46
CA ILE A 337 -36.43 -10.00 -3.18
C ILE A 337 -35.15 -9.30 -3.62
N VAL A 338 -34.03 -9.68 -3.02
CA VAL A 338 -32.75 -9.02 -3.30
C VAL A 338 -31.96 -9.83 -4.31
N ASN A 339 -31.31 -9.14 -5.24
CA ASN A 339 -30.58 -9.73 -6.36
C ASN A 339 -29.14 -9.19 -6.41
N ALA A 340 -28.39 -9.36 -5.33
CA ALA A 340 -27.01 -8.87 -5.29
C ALA A 340 -26.12 -9.58 -6.31
N ILE A 341 -25.23 -8.82 -6.92
CA ILE A 341 -24.20 -9.37 -7.81
C ILE A 341 -22.87 -8.71 -7.48
N GLN A 342 -21.81 -9.50 -7.48
CA GLN A 342 -20.44 -8.99 -7.38
C GLN A 342 -19.59 -9.64 -8.47
N ASN A 343 -19.22 -8.87 -9.48
CA ASN A 343 -18.34 -9.33 -10.55
C ASN A 343 -16.90 -9.00 -10.21
N LEU A 344 -16.03 -10.01 -10.23
CA LEU A 344 -14.66 -9.87 -9.77
C LEU A 344 -13.66 -10.15 -10.89
N GLU A 345 -12.54 -9.47 -10.83
CA GLU A 345 -11.37 -9.76 -11.65
C GLU A 345 -10.30 -10.32 -10.73
N LEU A 346 -9.84 -11.52 -11.00
CA LEU A 346 -8.94 -12.23 -10.09
C LEU A 346 -7.66 -12.65 -10.79
N GLN A 347 -6.54 -12.45 -10.09
CA GLN A 347 -5.30 -13.14 -10.39
C GLN A 347 -5.11 -14.23 -9.34
N TYR A 348 -5.02 -15.47 -9.78
CA TYR A 348 -4.92 -16.60 -8.87
C TYR A 348 -3.45 -16.95 -8.62
N SER A 349 -3.21 -17.53 -7.47
CA SER A 349 -1.91 -18.09 -7.13
C SER A 349 -1.98 -19.62 -7.18
N PRO A 350 -0.85 -20.29 -7.42
CA PRO A 350 -0.91 -21.74 -7.72
C PRO A 350 -1.59 -22.51 -6.61
N THR A 351 -2.30 -23.56 -7.01
CA THR A 351 -3.06 -24.39 -6.08
C THR A 351 -2.20 -24.79 -4.89
N SER A 352 -2.61 -24.33 -3.70
CA SER A 352 -1.87 -24.59 -2.49
C SER A 352 -2.20 -25.93 -1.85
N ASP A 353 -3.35 -26.52 -2.19
CA ASP A 353 -3.80 -27.76 -1.61
C ASP A 353 -3.90 -28.81 -2.71
N LEU A 354 -3.01 -29.80 -2.67
CA LEU A 354 -3.01 -30.90 -3.62
C LEU A 354 -3.31 -32.23 -2.94
N SER A 355 -4.05 -32.18 -1.83
CA SER A 355 -4.33 -33.39 -1.08
C SER A 355 -5.17 -34.39 -1.86
N THR A 356 -5.89 -33.94 -2.90
CA THR A 356 -6.67 -34.83 -3.75
C THR A 356 -6.05 -35.04 -5.11
N TYR A 357 -4.79 -34.64 -5.31
CA TYR A 357 -4.07 -34.88 -6.55
C TYR A 357 -3.32 -36.20 -6.48
N HIS A 358 -3.05 -36.77 -7.64
CA HIS A 358 -2.11 -37.88 -7.76
C HIS A 358 -0.79 -37.34 -8.26
N ILE A 359 0.26 -37.52 -7.48
CA ILE A 359 1.58 -36.98 -7.76
C ILE A 359 2.53 -38.16 -7.84
N ALA A 360 2.79 -38.66 -9.05
CA ALA A 360 3.75 -39.74 -9.22
C ALA A 360 5.13 -39.14 -9.44
N ASN A 361 6.14 -39.90 -9.04
CA ASN A 361 7.51 -39.53 -9.35
C ASN A 361 7.67 -39.41 -10.86
N LYS A 362 8.28 -38.32 -11.31
CA LYS A 362 8.45 -38.09 -12.73
C LYS A 362 9.71 -38.73 -13.30
N ARG A 363 10.61 -39.23 -12.46
CA ARG A 363 11.78 -39.97 -12.93
C ARG A 363 11.41 -41.44 -13.07
N ALA A 364 11.71 -42.00 -14.23
CA ALA A 364 11.48 -43.42 -14.43
C ALA A 364 12.30 -44.21 -13.41
N ARG A 365 11.66 -45.16 -12.74
CA ARG A 365 12.40 -46.14 -11.98
C ARG A 365 13.51 -46.73 -12.84
N MET A 366 14.59 -47.16 -12.19
CA MET A 366 15.61 -47.90 -12.91
C MET A 366 15.17 -49.33 -13.21
N VAL A 367 14.42 -49.93 -12.30
CA VAL A 367 13.94 -51.30 -12.44
C VAL A 367 12.49 -51.38 -11.97
N GLU A 368 11.76 -52.33 -12.51
CA GLU A 368 10.38 -52.55 -12.11
C GLU A 368 10.32 -53.06 -10.67
N ALA A 369 9.19 -52.76 -10.01
CA ALA A 369 9.08 -53.02 -8.58
C ALA A 369 9.16 -54.50 -8.25
N LYS A 370 8.63 -55.34 -9.14
CA LYS A 370 8.63 -56.78 -8.93
C LYS A 370 9.94 -57.43 -9.36
N LEU A 371 11.01 -57.11 -8.65
CA LEU A 371 12.34 -57.64 -8.96
C LEU A 371 13.23 -57.45 -7.75
N PHE B 64 -0.77 15.13 -18.40
CA PHE B 64 -0.09 15.58 -17.19
C PHE B 64 1.29 14.97 -17.04
N SER B 65 2.29 15.82 -16.86
CA SER B 65 3.64 15.37 -16.54
C SER B 65 4.11 15.92 -15.20
N VAL B 66 4.09 17.23 -15.03
CA VAL B 66 4.68 17.90 -13.88
C VAL B 66 3.69 18.91 -13.33
N ILE B 67 3.61 19.01 -12.00
CA ILE B 67 2.67 19.91 -11.37
C ILE B 67 3.11 21.35 -11.59
N GLY B 68 2.14 22.26 -11.61
CA GLY B 68 2.35 23.62 -12.04
C GLY B 68 2.85 24.53 -10.93
N ASN B 69 2.84 25.83 -11.24
CA ASN B 69 3.31 26.86 -10.33
C ASN B 69 2.13 27.53 -9.65
N PRO B 70 2.04 27.50 -8.31
CA PRO B 70 0.89 28.13 -7.66
C PRO B 70 0.83 29.64 -7.83
N PHE B 71 1.93 30.33 -8.12
CA PHE B 71 1.92 31.78 -8.31
C PHE B 71 1.84 32.15 -9.79
N SER B 72 0.91 31.56 -10.52
CA SER B 72 0.80 31.78 -11.95
C SER B 72 -0.15 32.93 -12.22
N LYS B 73 0.38 34.00 -12.81
CA LYS B 73 -0.50 35.05 -13.35
C LYS B 73 -1.42 34.47 -14.40
N ALA B 74 -1.00 33.40 -15.06
CA ALA B 74 -1.84 32.68 -16.01
C ALA B 74 -2.93 31.95 -15.22
N THR B 75 -3.73 31.14 -15.91
CA THR B 75 -4.81 30.39 -15.29
C THR B 75 -4.33 28.99 -14.92
N GLN B 76 -4.64 28.56 -13.70
CA GLN B 76 -4.13 27.30 -13.16
C GLN B 76 -5.23 26.24 -13.13
N GLN B 77 -4.83 25.01 -13.38
CA GLN B 77 -5.75 23.88 -13.33
C GLN B 77 -6.13 23.60 -11.88
N PRO B 78 -7.42 23.64 -11.52
CA PRO B 78 -7.78 23.35 -10.13
C PRO B 78 -7.38 21.95 -9.67
N GLN B 79 -7.38 20.96 -10.56
CA GLN B 79 -7.01 19.60 -10.19
C GLN B 79 -5.97 19.06 -11.17
N ILE B 80 -5.49 17.85 -10.89
CA ILE B 80 -4.60 17.13 -11.79
C ILE B 80 -5.49 16.31 -12.73
N PRO B 81 -5.49 16.58 -14.04
CA PRO B 81 -6.46 15.92 -14.93
C PRO B 81 -5.98 14.56 -15.42
N ASP B 82 -6.08 13.57 -14.53
CA ASP B 82 -5.62 12.22 -14.81
C ASP B 82 -6.64 11.14 -14.48
N GLY B 83 -7.77 11.48 -13.86
CA GLY B 83 -8.77 10.50 -13.53
C GLY B 83 -8.44 9.61 -12.36
N ARG B 84 -7.58 10.06 -11.45
CA ARG B 84 -7.23 9.30 -10.26
C ARG B 84 -8.01 9.74 -9.03
N MET B 85 -8.79 10.81 -9.13
CA MET B 85 -9.65 11.26 -8.03
C MET B 85 -10.92 11.82 -8.66
N LEU B 86 -11.92 10.95 -8.84
CA LEU B 86 -13.17 11.37 -9.47
C LEU B 86 -14.04 12.12 -8.47
N GLU B 87 -14.73 13.14 -8.97
CA GLU B 87 -15.58 14.00 -8.14
C GLU B 87 -14.81 14.59 -6.95
N SER B 88 -13.56 14.99 -7.21
CA SER B 88 -12.77 15.60 -6.17
C SER B 88 -13.06 17.10 -6.08
N LEU B 89 -12.68 17.69 -4.97
CA LEU B 89 -12.85 19.11 -4.78
C LEU B 89 -11.49 19.76 -4.53
N PRO B 90 -11.26 20.95 -5.13
CA PRO B 90 -9.99 21.65 -4.90
C PRO B 90 -10.01 22.54 -3.65
N ARG B 91 -8.91 22.64 -2.93
CA ARG B 91 -8.88 23.50 -1.76
C ARG B 91 -7.64 24.41 -1.83
N ARG B 92 -7.85 25.73 -1.92
CA ARG B 92 -6.74 26.66 -2.01
C ARG B 92 -6.36 27.11 -0.59
N CYS B 93 -5.15 26.78 -0.14
CA CYS B 93 -4.71 27.15 1.20
C CYS B 93 -3.52 28.09 1.06
N GLN B 94 -3.61 29.27 1.68
CA GLN B 94 -2.57 30.27 1.55
C GLN B 94 -2.28 30.90 2.89
N LEU B 95 -0.99 31.16 3.13
CA LEU B 95 -0.51 31.79 4.36
C LEU B 95 0.47 32.90 3.98
N VAL B 96 0.28 34.07 4.56
CA VAL B 96 1.20 35.17 4.38
C VAL B 96 1.57 35.70 5.76
N THR B 97 2.87 35.85 6.01
CA THR B 97 3.36 36.29 7.29
C THR B 97 4.81 36.70 7.13
N GLU B 98 5.27 37.55 8.05
CA GLU B 98 6.65 37.96 8.11
C GLU B 98 7.40 37.09 9.12
N ILE B 99 8.59 36.65 8.72
CA ILE B 99 9.48 35.90 9.59
C ILE B 99 10.82 36.62 9.66
N ARG B 100 11.57 36.36 10.72
CA ARG B 100 12.82 37.04 11.01
C ARG B 100 13.73 36.07 11.77
N ASN B 101 14.99 35.99 11.35
CA ASN B 101 15.95 35.14 12.06
C ASN B 101 16.19 35.67 13.47
N ASN B 102 16.21 34.75 14.43
CA ASN B 102 16.27 35.13 15.84
C ASN B 102 17.70 35.44 16.26
N VAL B 103 17.87 35.82 17.53
CA VAL B 103 19.17 36.21 18.05
C VAL B 103 20.02 35.00 18.40
N THR B 104 19.39 33.91 18.85
CA THR B 104 20.11 32.74 19.33
C THR B 104 21.02 32.16 18.25
N VAL B 105 20.53 32.08 17.01
CA VAL B 105 21.29 31.49 15.93
C VAL B 105 22.50 32.34 15.54
N GLY B 106 22.55 33.60 15.95
CA GLY B 106 23.73 34.42 15.72
C GLY B 106 24.04 34.57 14.26
N SER B 107 25.28 34.23 13.89
CA SER B 107 25.75 34.39 12.53
C SER B 107 25.60 33.11 11.69
N ASN B 108 25.06 32.04 12.26
CA ASN B 108 24.93 30.81 11.52
C ASN B 108 23.71 30.85 10.60
N PRO B 109 23.72 30.08 9.52
CA PRO B 109 22.60 30.13 8.56
C PRO B 109 21.30 29.57 9.14
N THR B 110 20.19 30.08 8.62
CA THR B 110 18.85 29.60 8.92
C THR B 110 18.28 28.90 7.69
N TYR B 111 17.10 28.28 7.86
CA TYR B 111 16.54 27.40 6.86
C TYR B 111 15.03 27.55 6.78
N ILE B 112 14.49 27.33 5.59
CA ILE B 112 13.06 27.16 5.38
C ILE B 112 12.85 25.87 4.61
N LEU B 113 11.97 25.02 5.11
CA LEU B 113 11.62 23.76 4.47
C LEU B 113 10.17 23.79 4.02
N VAL B 114 9.94 23.49 2.75
CA VAL B 114 8.61 23.26 2.22
C VAL B 114 8.50 21.77 1.92
N ALA B 115 7.54 21.12 2.54
CA ALA B 115 7.38 19.67 2.43
C ALA B 115 5.99 19.32 1.92
N PRO B 116 5.83 18.16 1.29
CA PRO B 116 4.47 17.70 0.95
C PRO B 116 3.76 17.07 2.14
N SER B 117 3.51 17.88 3.16
CA SER B 117 2.89 17.45 4.41
C SER B 117 1.57 18.20 4.55
N LEU B 118 0.50 17.47 4.85
CA LEU B 118 -0.85 18.01 4.76
C LEU B 118 -1.08 19.18 5.71
N GLY B 119 -1.25 20.37 5.15
CA GLY B 119 -1.53 21.55 5.94
C GLY B 119 -0.32 22.29 6.47
N LEU B 120 0.89 21.86 6.14
CA LEU B 120 2.11 22.57 6.52
C LEU B 120 2.45 23.56 5.42
N ALA B 121 2.32 24.85 5.72
CA ALA B 121 2.74 25.86 4.74
C ALA B 121 4.25 25.87 4.58
N PHE B 122 4.99 25.89 5.69
CA PHE B 122 6.44 25.73 5.68
C PHE B 122 6.93 25.60 7.11
N GLN B 123 8.19 25.19 7.26
CA GLN B 123 8.87 25.10 8.54
C GLN B 123 10.14 25.93 8.48
N ALA B 124 10.34 26.80 9.47
CA ALA B 124 11.43 27.77 9.45
C ALA B 124 12.35 27.52 10.64
N TYR B 125 13.61 27.26 10.36
CA TYR B 125 14.60 27.00 11.40
C TYR B 125 15.06 28.30 12.03
N GLN B 126 14.95 28.39 13.35
CA GLN B 126 15.51 29.47 14.16
C GLN B 126 15.02 30.86 13.73
N ASP B 127 13.71 31.04 13.73
CA ASP B 127 13.15 32.37 13.55
C ASP B 127 12.59 32.87 14.88
N THR B 128 12.23 34.15 14.91
CA THR B 128 11.86 34.77 16.18
C THR B 128 10.58 34.20 16.77
N ASN B 129 9.83 33.40 16.02
CA ASN B 129 8.61 32.78 16.51
C ASN B 129 8.82 31.42 17.18
N VAL B 130 10.05 30.91 17.26
CA VAL B 130 10.22 29.55 17.78
C VAL B 130 9.62 29.47 19.17
N PRO B 131 8.87 28.42 19.51
CA PRO B 131 8.23 28.36 20.83
C PRO B 131 9.08 27.65 21.86
N GLY B 132 9.13 28.24 23.05
CA GLY B 132 9.84 27.66 24.17
C GLY B 132 11.22 27.18 23.81
N GLY B 133 11.48 25.89 24.00
CA GLY B 133 12.78 25.31 23.71
C GLY B 133 12.94 24.68 22.34
N LEU B 134 11.88 24.60 21.54
CA LEU B 134 12.01 24.07 20.19
C LEU B 134 12.77 25.08 19.32
N ASP B 135 13.52 24.56 18.36
CA ASP B 135 14.43 25.36 17.56
C ASP B 135 13.89 25.70 16.18
N SER B 136 12.65 25.35 15.89
CA SER B 136 12.05 25.72 14.61
C SER B 136 10.58 26.05 14.82
N SER B 137 10.03 26.78 13.87
CA SER B 137 8.61 27.12 13.85
C SER B 137 7.93 26.40 12.69
N VAL B 138 6.66 26.07 12.90
CA VAL B 138 5.81 25.54 11.84
C VAL B 138 4.71 26.55 11.57
N TYR B 139 4.28 26.62 10.32
CA TYR B 139 3.20 27.50 9.90
C TYR B 139 2.15 26.63 9.21
N GLY B 140 1.01 26.48 9.87
CA GLY B 140 -0.03 25.59 9.40
C GLY B 140 -1.14 26.32 8.67
N LEU B 141 -1.88 25.55 7.88
CA LEU B 141 -3.05 26.03 7.16
C LEU B 141 -4.35 25.52 7.80
N GLN B 142 -4.33 25.37 9.12
CA GLN B 142 -5.47 24.81 9.86
C GLN B 142 -6.74 25.65 9.77
N ASN B 143 -6.66 26.91 9.35
CA ASN B 143 -7.85 27.73 9.18
C ASN B 143 -8.64 27.39 7.93
N ARG B 144 -8.03 26.72 6.96
CA ARG B 144 -8.69 26.38 5.71
C ARG B 144 -9.29 24.99 5.71
N GLY B 145 -9.20 24.25 6.81
CA GLY B 145 -9.85 22.96 6.92
C GLY B 145 -9.12 21.79 6.30
N CYS B 146 -7.79 21.74 6.42
CA CYS B 146 -6.99 20.66 5.85
C CYS B 146 -5.95 20.17 6.84
N THR B 147 -6.29 20.11 8.12
CA THR B 147 -5.40 19.55 9.12
C THR B 147 -6.15 18.52 9.95
N VAL B 148 -5.39 17.70 10.67
CA VAL B 148 -5.95 16.82 11.67
C VAL B 148 -5.68 17.44 13.03
N ARG B 149 -6.30 16.88 14.07
CA ARG B 149 -6.14 17.42 15.41
C ARG B 149 -5.89 16.27 16.39
N ALA B 150 -5.66 16.63 17.65
CA ALA B 150 -5.26 15.69 18.69
C ALA B 150 -6.47 15.36 19.56
N ASN B 151 -6.90 14.10 19.53
CA ASN B 151 -8.00 13.63 20.38
C ASN B 151 -7.38 12.83 21.51
N LEU B 152 -6.92 13.55 22.53
CA LEU B 152 -6.18 12.91 23.62
C LEU B 152 -7.08 12.05 24.49
N SER B 153 -8.36 12.41 24.63
CA SER B 153 -9.27 11.58 25.43
C SER B 153 -9.46 10.21 24.81
N ALA B 154 -9.53 10.14 23.49
CA ALA B 154 -9.58 8.88 22.76
C ALA B 154 -8.21 8.42 22.29
N THR B 155 -7.15 9.15 22.65
CA THR B 155 -5.76 8.84 22.32
C THR B 155 -5.61 8.46 20.84
N SER B 156 -5.91 9.43 19.99
CA SER B 156 -5.89 9.21 18.55
C SER B 156 -5.65 10.54 17.84
N ILE B 157 -5.24 10.43 16.57
CA ILE B 157 -5.21 11.57 15.67
C ILE B 157 -6.55 11.59 14.95
N GLU B 158 -7.28 12.69 15.07
CA GLU B 158 -8.65 12.76 14.60
C GLU B 158 -8.71 13.49 13.27
N ASN B 159 -9.40 12.89 12.30
CA ASN B 159 -9.57 13.45 10.96
C ASN B 159 -10.91 14.19 10.88
N TYR B 160 -11.02 15.26 11.67
CA TYR B 160 -12.29 15.94 11.87
C TYR B 160 -12.76 16.76 10.68
N ASN B 161 -11.91 17.04 9.70
CA ASN B 161 -12.34 17.67 8.46
C ASN B 161 -12.86 16.65 7.44
N ASP B 162 -13.02 15.39 7.81
CA ASP B 162 -13.65 14.37 6.96
C ASP B 162 -12.97 14.23 5.61
N ILE B 163 -11.64 14.24 5.59
CA ILE B 163 -10.90 14.01 4.34
C ILE B 163 -10.66 12.52 4.18
N ALA B 164 -11.22 11.94 3.13
CA ALA B 164 -11.00 10.54 2.79
C ALA B 164 -9.74 10.37 1.95
N LYS B 165 -9.50 11.25 0.98
CA LYS B 165 -8.31 11.15 0.16
C LYS B 165 -7.84 12.53 -0.25
N TRP B 166 -6.52 12.69 -0.33
CA TRP B 166 -5.94 13.99 -0.65
C TRP B 166 -4.68 13.81 -1.48
N ARG B 167 -4.44 14.76 -2.37
CA ARG B 167 -3.12 14.96 -2.96
C ARG B 167 -2.91 16.45 -3.14
N ILE B 168 -1.83 16.80 -3.82
CA ILE B 168 -1.40 18.19 -3.95
C ILE B 168 -1.40 18.53 -5.43
N VAL B 169 -2.10 19.60 -5.79
CA VAL B 169 -2.10 20.07 -7.17
C VAL B 169 -0.91 20.96 -7.45
N SER B 170 -0.57 21.83 -6.51
CA SER B 170 0.59 22.70 -6.60
C SER B 170 0.85 23.27 -5.22
N GLN B 171 2.12 23.45 -4.92
CA GLN B 171 2.56 23.95 -3.62
C GLN B 171 3.86 24.71 -3.83
N GLY B 172 4.02 25.81 -3.13
CA GLY B 172 5.20 26.62 -3.33
C GLY B 172 5.30 27.72 -2.31
N ILE B 173 6.26 28.61 -2.52
CA ILE B 173 6.56 29.68 -1.58
C ILE B 173 7.22 30.81 -2.35
N ASN B 174 7.04 32.03 -1.87
CA ASN B 174 7.70 33.19 -2.45
C ASN B 174 8.07 34.15 -1.32
N LEU B 175 9.34 34.51 -1.25
CA LEU B 175 9.86 35.36 -0.19
C LEU B 175 10.26 36.72 -0.76
N LYS B 176 9.98 37.77 0.00
CA LYS B 176 10.38 39.13 -0.34
C LYS B 176 11.14 39.73 0.84
N LEU B 177 12.33 40.26 0.57
CA LEU B 177 13.11 40.89 1.63
C LEU B 177 12.50 42.23 2.03
N ASN B 178 12.07 42.34 3.29
CA ASN B 178 11.53 43.59 3.82
C ASN B 178 12.55 44.31 4.71
N ASN B 179 13.62 44.79 4.09
CA ASN B 179 14.68 45.48 4.80
C ASN B 179 15.03 46.78 4.07
N VAL B 180 15.38 47.81 4.84
CA VAL B 180 15.77 49.10 4.28
C VAL B 180 17.06 48.98 3.48
N GLU B 181 17.36 50.03 2.71
CA GLU B 181 18.38 49.98 1.67
C GLU B 181 19.77 49.67 2.24
N ASP B 182 20.14 50.26 3.39
CA ASP B 182 21.44 50.01 3.98
C ASP B 182 21.46 48.78 4.90
N GLU B 183 20.44 47.94 4.84
CA GLU B 183 20.43 46.66 5.56
C GLU B 183 19.97 45.53 4.65
N ASN B 184 20.24 45.64 3.35
CA ASN B 184 19.69 44.70 2.39
C ASN B 184 20.68 43.63 1.97
N ASP B 185 21.66 43.32 2.81
CA ASP B 185 22.65 42.29 2.51
C ASP B 185 22.06 40.92 2.81
N GLY B 186 22.88 39.88 2.68
CA GLY B 186 22.44 38.51 2.80
C GLY B 186 22.41 37.81 1.45
N TRP B 187 22.27 36.49 1.52
CA TRP B 187 22.16 35.68 0.31
C TRP B 187 21.56 34.34 0.71
N TYR B 188 21.45 33.42 -0.26
CA TYR B 188 20.67 32.20 -0.06
C TYR B 188 21.05 31.16 -1.12
N GLU B 189 20.90 29.89 -0.75
CA GLU B 189 20.91 28.77 -1.67
C GLU B 189 19.61 28.00 -1.53
N ALA B 190 19.16 27.39 -2.62
CA ALA B 190 17.92 26.63 -2.62
C ALA B 190 18.08 25.41 -3.50
N CYS B 191 17.28 24.39 -3.21
CA CYS B 191 17.31 23.14 -3.98
C CYS B 191 16.10 22.31 -3.60
N ARG B 192 15.79 21.33 -4.45
CA ARG B 192 14.81 20.31 -4.14
C ARG B 192 15.51 18.97 -3.94
N PHE B 193 14.88 18.08 -3.19
CA PHE B 193 15.46 16.79 -2.89
C PHE B 193 14.38 15.75 -2.59
N GLN B 194 14.66 14.51 -2.97
CA GLN B 194 13.87 13.34 -2.61
C GLN B 194 14.64 12.57 -1.54
N HIS B 195 14.11 12.53 -0.32
CA HIS B 195 14.80 11.92 0.81
C HIS B 195 14.07 10.66 1.27
N ASP B 196 14.85 9.65 1.68
CA ASP B 196 14.28 8.40 2.21
C ASP B 196 14.01 8.61 3.70
N TRP B 197 12.92 9.30 3.99
CA TRP B 197 12.59 9.65 5.36
C TRP B 197 12.36 8.40 6.22
N THR B 198 12.92 8.40 7.41
CA THR B 198 12.55 7.50 8.49
C THR B 198 11.58 8.20 9.43
N PRO B 199 10.62 7.51 10.03
CA PRO B 199 9.68 8.21 10.93
C PRO B 199 10.34 8.91 12.11
N ASP B 200 11.46 8.41 12.64
CA ASP B 200 12.07 9.09 13.77
C ASP B 200 12.74 10.40 13.38
N GLU B 201 12.77 10.75 12.09
CA GLU B 201 13.16 12.09 11.66
C GLU B 201 11.99 13.06 11.61
N LEU B 202 10.77 12.57 11.75
CA LEU B 202 9.56 13.40 11.70
C LEU B 202 8.92 13.47 13.07
N CYS B 203 7.89 14.31 13.17
CA CYS B 203 7.25 14.59 14.45
C CYS B 203 5.93 15.29 14.19
N LEU B 204 5.07 15.25 15.19
CA LEU B 204 3.84 16.04 15.20
C LEU B 204 4.11 17.36 15.92
N ARG B 205 3.75 18.46 15.26
CA ARG B 205 3.85 19.79 15.83
C ARG B 205 2.46 20.42 15.90
N SER B 206 2.23 21.17 16.97
CA SER B 206 1.00 21.96 17.06
C SER B 206 1.06 23.12 16.07
N THR B 207 0.00 23.32 15.31
CA THR B 207 -0.06 24.47 14.42
C THR B 207 -0.05 25.79 15.19
N GLU B 208 -0.43 25.77 16.47
CA GLU B 208 -0.33 26.99 17.27
C GLU B 208 1.10 27.47 17.39
N ASN B 209 2.08 26.58 17.23
CA ASN B 209 3.49 26.93 17.33
C ASN B 209 3.75 27.70 18.62
N ASP B 210 3.24 27.16 19.73
CA ASP B 210 3.21 27.85 21.01
C ASP B 210 4.06 27.10 22.03
N ALA B 211 4.27 27.75 23.17
CA ALA B 211 5.08 27.20 24.25
C ALA B 211 4.18 26.56 25.31
N SER B 212 3.61 25.42 24.94
CA SER B 212 2.87 24.60 25.89
C SER B 212 2.61 23.24 25.25
N THR B 213 2.27 22.26 26.09
CA THR B 213 2.06 20.91 25.60
C THR B 213 0.86 20.84 24.67
N ILE B 214 0.85 19.81 23.82
CA ILE B 214 -0.29 19.54 22.97
C ILE B 214 -1.47 19.14 23.82
N SER B 215 -2.60 19.79 23.62
CA SER B 215 -3.80 19.59 24.42
C SER B 215 -4.94 19.08 23.54
N GLN B 216 -6.09 18.87 24.17
CA GLN B 216 -7.24 18.28 23.49
C GLN B 216 -7.69 19.14 22.30
N ASP B 217 -7.88 18.49 21.16
CA ASP B 217 -8.34 19.10 19.91
C ASP B 217 -7.33 20.09 19.33
N GLU B 218 -6.06 19.94 19.65
CA GLU B 218 -5.02 20.77 19.07
C GLU B 218 -4.81 20.40 17.60
N ASP B 219 -4.76 21.41 16.73
CA ASP B 219 -4.45 21.15 15.33
C ASP B 219 -2.99 20.79 15.16
N LEU B 220 -2.73 19.73 14.39
CA LEU B 220 -1.39 19.19 14.22
C LEU B 220 -1.00 19.17 12.75
N VAL B 221 0.31 19.37 12.50
CA VAL B 221 0.92 19.14 11.20
C VAL B 221 2.15 18.28 11.43
N MET B 222 2.57 17.58 10.37
CA MET B 222 3.78 16.78 10.41
C MET B 222 4.93 17.62 9.86
N GLY B 223 5.97 17.78 10.68
CA GLY B 223 7.18 18.44 10.27
C GLY B 223 8.39 17.63 10.68
N VAL B 224 9.58 18.17 10.51
CA VAL B 224 10.81 17.50 10.90
C VAL B 224 11.21 17.95 12.29
N ILE B 225 11.82 17.03 13.05
CA ILE B 225 12.46 17.41 14.29
C ILE B 225 13.46 18.52 14.01
N SER B 226 13.52 19.49 14.92
CA SER B 226 14.33 20.68 14.65
C SER B 226 15.79 20.33 14.49
N SER B 227 16.24 19.24 15.10
CA SER B 227 17.64 18.85 15.06
C SER B 227 18.07 18.36 13.67
N SER B 228 17.14 17.96 12.82
CA SER B 228 17.53 17.65 11.45
C SER B 228 18.26 18.81 10.81
N PHE B 229 17.89 20.04 11.16
CA PHE B 229 18.52 21.20 10.54
C PHE B 229 19.96 21.38 10.98
N MET B 230 20.31 21.02 12.21
CA MET B 230 21.64 21.30 12.71
C MET B 230 22.60 20.13 12.58
N ASN B 231 22.16 18.90 12.84
CA ASN B 231 23.05 17.75 12.67
C ASN B 231 22.36 16.54 12.06
N GLY B 232 21.23 16.72 11.38
CA GLY B 232 20.56 15.61 10.74
C GLY B 232 20.59 15.67 9.23
N ALA B 233 19.56 15.11 8.61
CA ALA B 233 19.54 14.97 7.15
C ALA B 233 19.57 16.33 6.47
N LEU B 234 18.82 17.30 7.00
CA LEU B 234 18.73 18.59 6.32
C LEU B 234 20.04 19.37 6.39
N ASN B 235 20.79 19.21 7.48
CA ASN B 235 22.12 19.80 7.54
C ASN B 235 23.04 19.20 6.49
N THR B 236 23.01 17.88 6.35
CA THR B 236 23.84 17.24 5.34
C THR B 236 23.50 17.77 3.96
N ILE B 237 22.21 17.85 3.64
CA ILE B 237 21.80 18.46 2.38
C ILE B 237 22.15 19.94 2.36
N GLY B 238 21.90 20.63 3.47
CA GLY B 238 22.21 22.04 3.53
C GLY B 238 23.65 22.35 3.20
N ASN B 239 24.56 21.41 3.46
CA ASN B 239 25.97 21.62 3.20
C ASN B 239 26.42 21.15 1.82
N ASN B 240 25.55 20.47 1.08
CA ASN B 240 25.85 19.97 -0.25
C ASN B 240 24.86 20.50 -1.26
N MET B 241 24.44 21.76 -1.09
CA MET B 241 23.36 22.31 -1.91
C MET B 241 23.73 22.36 -3.38
N VAL B 242 24.98 22.75 -3.69
CA VAL B 242 25.37 23.02 -5.07
C VAL B 242 25.47 21.75 -5.92
N GLU B 243 25.45 20.57 -5.31
CA GLU B 243 25.38 19.33 -6.06
C GLU B 243 23.95 18.82 -6.25
N GLN B 244 22.94 19.46 -5.66
CA GLN B 244 21.58 18.92 -5.69
C GLN B 244 20.87 19.29 -6.98
N ARG B 245 19.71 18.68 -7.19
CA ARG B 245 18.88 19.04 -8.33
C ARG B 245 18.25 20.40 -8.12
N GLY B 246 18.12 21.15 -9.21
CA GLY B 246 17.48 22.45 -9.15
C GLY B 246 18.14 23.44 -8.21
N TYR B 247 19.47 23.47 -8.17
CA TYR B 247 20.19 24.38 -7.29
C TYR B 247 20.10 25.81 -7.81
N GLU B 248 19.98 26.75 -6.89
CA GLU B 248 20.16 28.14 -7.25
C GLU B 248 20.67 28.88 -6.04
N SER B 249 21.29 30.03 -6.30
CA SER B 249 21.78 30.88 -5.24
C SER B 249 21.59 32.32 -5.71
N GLY B 250 21.59 33.22 -4.74
CA GLY B 250 21.43 34.62 -5.06
C GLY B 250 21.49 35.43 -3.81
N LEU B 251 21.30 36.73 -3.99
CA LEU B 251 21.28 37.68 -2.91
C LEU B 251 19.84 37.81 -2.43
N LEU B 252 19.67 37.97 -1.11
CA LEU B 252 18.31 38.09 -0.57
C LEU B 252 17.58 39.28 -1.17
N LYS B 253 18.28 40.37 -1.47
CA LYS B 253 17.62 41.51 -2.08
C LYS B 253 17.03 41.18 -3.45
N ASN B 254 17.33 40.01 -4.00
CA ASN B 254 16.78 39.57 -5.27
C ASN B 254 15.82 38.40 -5.15
N ILE B 255 15.66 37.81 -3.96
CA ILE B 255 14.87 36.59 -3.85
C ILE B 255 13.40 36.84 -4.19
N HIS B 256 12.93 38.08 -4.10
CA HIS B 256 11.53 38.36 -4.38
C HIS B 256 11.09 37.88 -5.75
N LYS B 257 11.98 37.87 -6.73
CA LYS B 257 11.59 37.43 -8.06
C LYS B 257 11.84 35.93 -8.25
N ARG B 258 11.42 35.10 -7.31
CA ARG B 258 11.66 33.67 -7.37
C ARG B 258 10.46 32.91 -6.82
N MET B 259 9.84 32.09 -7.64
CA MET B 259 8.72 31.25 -7.22
C MET B 259 9.27 29.84 -7.00
N PHE B 260 9.36 29.43 -5.74
CA PHE B 260 9.81 28.07 -5.42
C PHE B 260 8.61 27.14 -5.37
N GLN B 261 8.62 26.08 -6.17
CA GLN B 261 7.49 25.16 -6.28
C GLN B 261 7.95 23.72 -6.10
N LEU B 262 7.15 22.93 -5.40
CA LEU B 262 7.43 21.51 -5.29
C LEU B 262 7.29 20.84 -6.65
N HIS B 263 8.07 19.77 -6.84
CA HIS B 263 8.02 18.93 -8.02
C HIS B 263 7.54 17.54 -7.62
N ASN B 264 6.55 17.02 -8.34
CA ASN B 264 6.20 15.61 -8.21
C ASN B 264 7.30 14.75 -8.83
N ASN B 265 7.61 13.63 -8.19
CA ASN B 265 8.59 12.68 -8.70
C ASN B 265 7.96 11.55 -9.50
N THR B 266 6.65 11.59 -9.72
CA THR B 266 5.98 10.65 -10.60
C THR B 266 4.82 11.37 -11.28
N SER B 267 4.47 10.90 -12.48
CA SER B 267 3.31 11.39 -13.21
C SER B 267 2.02 10.65 -12.89
N ALA B 268 2.08 9.59 -12.09
CA ALA B 268 0.90 8.89 -11.61
C ALA B 268 0.82 9.12 -10.10
N ILE B 269 0.24 10.26 -9.72
CA ILE B 269 0.17 10.65 -8.32
C ILE B 269 -1.08 10.04 -7.71
N ARG B 270 -0.90 9.12 -6.79
CA ARG B 270 -2.05 8.51 -6.17
C ARG B 270 -2.36 9.20 -4.84
N PRO B 271 -3.62 9.42 -4.49
CA PRO B 271 -3.92 10.10 -3.23
C PRO B 271 -3.55 9.25 -2.02
N LYS B 272 -3.34 9.94 -0.91
CA LYS B 272 -3.20 9.30 0.40
C LYS B 272 -4.57 9.19 1.04
N THR B 273 -4.72 8.20 1.91
CA THR B 273 -5.97 7.98 2.61
C THR B 273 -5.78 8.29 4.09
N LEU B 274 -6.80 8.87 4.69
CA LEU B 274 -6.84 9.13 6.12
C LEU B 274 -7.99 8.36 6.75
N GLN B 275 -7.77 7.84 7.94
CA GLN B 275 -8.84 7.26 8.72
C GLN B 275 -9.59 8.35 9.47
N GLY B 276 -10.82 8.04 9.88
CA GLY B 276 -11.56 8.96 10.73
C GLY B 276 -10.90 9.14 12.08
N GLN B 277 -10.36 8.07 12.65
CA GLN B 277 -9.54 8.15 13.85
C GLN B 277 -8.33 7.26 13.65
N PHE B 278 -7.15 7.80 13.93
CA PHE B 278 -5.92 7.03 13.86
C PHE B 278 -5.40 6.85 15.28
N ASN B 279 -5.48 5.62 15.76
CA ASN B 279 -5.15 5.33 17.14
C ASN B 279 -3.66 5.06 17.29
N TYR B 280 -3.13 5.45 18.43
CA TYR B 280 -1.70 5.32 18.70
C TYR B 280 -1.51 4.79 20.10
N GLY B 281 -0.38 4.12 20.31
CA GLY B 281 0.02 3.68 21.63
C GLY B 281 1.18 4.50 22.18
N SER B 282 2.17 3.83 22.76
CA SER B 282 3.32 4.52 23.33
C SER B 282 4.37 4.87 22.30
N GLU B 283 4.20 4.46 21.05
CA GLU B 283 5.17 4.81 20.02
C GLU B 283 5.11 6.28 19.63
N ILE B 284 4.10 7.01 20.06
CA ILE B 284 4.04 8.46 19.89
C ILE B 284 4.21 9.08 21.27
N THR B 285 5.33 9.78 21.46
CA THR B 285 5.66 10.39 22.74
C THR B 285 5.35 11.88 22.68
N PHE B 286 4.35 12.30 23.45
CA PHE B 286 3.99 13.71 23.54
C PHE B 286 4.90 14.41 24.54
N SER B 287 5.46 15.54 24.14
CA SER B 287 6.47 16.21 24.95
C SER B 287 5.82 16.87 26.16
N GLY B 288 6.51 16.79 27.31
CA GLY B 288 5.95 17.25 28.57
C GLY B 288 5.90 18.75 28.72
N THR B 289 6.66 19.49 27.91
CA THR B 289 6.70 20.94 28.04
C THR B 289 6.46 21.64 26.70
N GLU B 290 6.84 21.01 25.60
CA GLU B 290 6.79 21.63 24.29
C GLU B 290 5.63 21.08 23.47
N SER B 291 5.30 21.79 22.39
CA SER B 291 4.16 21.46 21.55
C SER B 291 4.56 20.48 20.44
N GLU B 292 5.08 19.33 20.86
CA GLU B 292 5.66 18.40 19.91
C GLU B 292 5.47 16.98 20.41
N ALA B 293 5.32 16.05 19.46
CA ALA B 293 5.26 14.62 19.75
C ALA B 293 6.22 13.87 18.84
N ARG B 294 7.04 12.99 19.42
CA ARG B 294 8.06 12.25 18.70
C ARG B 294 7.58 10.85 18.34
N PHE B 295 8.15 10.31 17.26
CA PHE B 295 7.87 8.97 16.79
C PHE B 295 9.07 8.05 17.00
N THR B 296 8.81 6.81 17.39
CA THR B 296 9.76 5.74 17.10
C THR B 296 9.46 5.17 15.71
N ASP B 297 10.32 4.25 15.27
CA ASP B 297 10.18 3.64 13.94
C ASP B 297 9.55 2.26 14.09
N VAL B 298 8.22 2.24 14.19
CA VAL B 298 7.45 1.02 14.36
C VAL B 298 6.33 1.01 13.34
N PRO B 299 5.67 -0.13 13.09
CA PRO B 299 4.69 -0.19 11.98
C PRO B 299 3.59 0.84 12.07
N SER B 300 3.07 1.13 13.27
CA SER B 300 2.00 2.11 13.39
C SER B 300 2.42 3.49 12.91
N ASN B 301 3.64 3.91 13.24
CA ASN B 301 4.08 5.25 12.89
C ASN B 301 4.41 5.39 11.41
N ARG B 302 4.85 4.31 10.77
CA ARG B 302 5.03 4.36 9.33
C ARG B 302 3.69 4.59 8.62
N GLN B 303 2.63 3.96 9.12
CA GLN B 303 1.32 4.14 8.49
C GLN B 303 0.82 5.57 8.66
N LEU B 304 1.08 6.18 9.82
CA LEU B 304 0.73 7.58 10.00
C LEU B 304 1.52 8.48 9.04
N VAL B 305 2.84 8.27 8.96
CA VAL B 305 3.66 9.03 8.03
C VAL B 305 3.17 8.83 6.60
N ASP B 306 2.64 7.65 6.28
CA ASP B 306 2.10 7.41 4.95
C ASP B 306 0.77 8.11 4.71
N SER B 307 0.08 8.54 5.76
CA SER B 307 -1.19 9.22 5.57
C SER B 307 -1.05 10.74 5.50
N LEU B 308 -0.04 11.33 6.15
CA LEU B 308 0.09 12.77 6.21
C LEU B 308 1.25 13.35 5.39
N TRP B 309 2.16 12.52 4.90
CA TRP B 309 3.32 12.97 4.12
C TRP B 309 3.22 12.31 2.76
N HIS B 310 3.30 13.11 1.70
CA HIS B 310 3.07 12.60 0.35
C HIS B 310 4.41 12.41 -0.37
N ASN B 311 4.91 11.19 -0.34
CA ASN B 311 6.18 10.86 -0.96
C ASN B 311 6.09 10.75 -2.49
N ASP B 312 4.99 11.17 -3.12
CA ASP B 312 4.98 11.39 -4.56
C ASP B 312 5.47 12.79 -4.92
N TYR B 313 5.96 13.55 -3.94
CA TYR B 313 6.49 14.89 -4.16
C TYR B 313 7.84 15.03 -3.47
N ASP B 314 8.73 15.78 -4.09
CA ASP B 314 9.98 16.17 -3.46
C ASP B 314 9.76 17.35 -2.51
N CYS B 315 10.77 17.61 -1.70
CA CYS B 315 10.82 18.76 -0.80
C CYS B 315 11.69 19.86 -1.38
N ILE B 316 11.57 21.05 -0.81
CA ILE B 316 12.46 22.17 -1.10
C ILE B 316 13.15 22.60 0.19
N LEU B 317 14.45 22.85 0.11
CA LEU B 317 15.20 23.45 1.19
C LEU B 317 15.76 24.78 0.73
N ILE B 318 15.44 25.85 1.43
CA ILE B 318 16.07 27.15 1.25
C ILE B 318 16.99 27.36 2.44
N LYS B 319 18.26 27.59 2.16
CA LYS B 319 19.24 27.89 3.19
C LYS B 319 19.55 29.38 3.13
N LEU B 320 19.40 30.05 4.25
CA LEU B 320 19.49 31.50 4.32
C LEU B 320 20.76 31.91 5.05
N TYR B 321 21.48 32.85 4.47
CA TYR B 321 22.57 33.51 5.17
C TYR B 321 22.13 34.93 5.46
N PRO B 322 21.34 35.15 6.51
CA PRO B 322 20.72 36.46 6.70
C PRO B 322 21.65 37.45 7.39
N ARG B 323 21.31 38.73 7.23
CA ARG B 323 21.87 39.77 8.07
C ARG B 323 21.63 39.40 9.53
N GLU B 324 22.67 39.53 10.35
CA GLU B 324 22.59 39.09 11.74
C GLU B 324 21.60 39.93 12.54
N ASN B 325 20.93 39.27 13.47
CA ASN B 325 19.99 39.90 14.39
C ASN B 325 20.63 39.85 15.78
N THR B 326 21.03 41.02 16.28
CA THR B 326 21.51 41.14 17.65
C THR B 326 20.49 41.82 18.57
N GLY B 327 19.28 42.06 18.08
CA GLY B 327 18.28 42.73 18.88
C GLY B 327 18.62 44.17 19.19
N ALA B 328 19.15 44.90 18.21
CA ALA B 328 19.51 46.30 18.38
C ALA B 328 19.25 47.03 17.07
N ALA B 329 19.02 48.33 17.17
CA ALA B 329 18.70 49.13 16.00
C ALA B 329 19.82 49.09 14.98
N GLY B 330 19.48 48.87 13.72
CA GLY B 330 20.43 48.67 12.67
C GLY B 330 20.81 47.22 12.43
N GLN B 331 20.68 46.36 13.44
CA GLN B 331 21.02 44.94 13.35
C GLN B 331 19.85 44.14 13.91
N THR B 332 18.83 43.92 13.08
CA THR B 332 17.64 43.19 13.51
C THR B 332 17.31 42.06 12.55
N GLY B 333 18.28 41.55 11.83
CA GLY B 333 18.05 40.42 10.97
C GLY B 333 17.54 40.81 9.60
N SER B 334 17.12 39.80 8.87
CA SER B 334 16.58 39.95 7.52
C SER B 334 15.10 39.59 7.58
N ALA B 335 14.25 40.59 7.67
CA ALA B 335 12.82 40.34 7.63
C ALA B 335 12.43 39.86 6.24
N LEU B 336 11.64 38.78 6.19
CA LEU B 336 11.19 38.21 4.92
C LEU B 336 9.67 38.07 4.95
N ILE B 337 9.01 38.64 3.95
CA ILE B 337 7.58 38.40 3.74
C ILE B 337 7.44 37.09 2.98
N VAL B 338 6.83 36.09 3.62
CA VAL B 338 6.68 34.75 3.07
C VAL B 338 5.25 34.56 2.60
N ASN B 339 5.08 34.10 1.36
CA ASN B 339 3.79 33.76 0.79
C ASN B 339 3.80 32.28 0.41
N ALA B 340 3.11 31.45 1.19
CA ALA B 340 3.08 30.01 0.96
C ALA B 340 1.67 29.58 0.55
N ILE B 341 1.59 28.73 -0.47
CA ILE B 341 0.33 28.21 -0.97
C ILE B 341 0.43 26.69 -1.08
N GLN B 342 -0.57 25.98 -0.59
CA GLN B 342 -0.70 24.54 -0.80
C GLN B 342 -2.08 24.29 -1.40
N ASN B 343 -2.13 24.05 -2.70
CA ASN B 343 -3.38 23.76 -3.39
C ASN B 343 -3.64 22.26 -3.30
N LEU B 344 -4.70 21.88 -2.62
CA LEU B 344 -5.04 20.49 -2.42
C LEU B 344 -6.14 20.05 -3.38
N GLU B 345 -6.22 18.74 -3.58
CA GLU B 345 -7.34 18.07 -4.23
C GLU B 345 -7.87 17.04 -3.25
N LEU B 346 -9.14 17.17 -2.88
CA LEU B 346 -9.72 16.39 -1.79
C LEU B 346 -10.95 15.62 -2.25
N GLN B 347 -11.10 14.42 -1.69
CA GLN B 347 -12.34 13.66 -1.70
C GLN B 347 -12.82 13.59 -0.25
N TYR B 348 -14.02 14.08 0.02
CA TYR B 348 -14.51 14.16 1.38
C TYR B 348 -15.39 12.97 1.70
N SER B 349 -15.32 12.51 2.94
CA SER B 349 -16.27 11.55 3.45
C SER B 349 -17.50 12.29 3.94
N PRO B 350 -18.59 11.58 4.23
CA PRO B 350 -19.77 12.25 4.79
C PRO B 350 -19.45 12.95 6.10
N THR B 351 -20.15 14.06 6.33
CA THR B 351 -20.00 14.78 7.59
C THR B 351 -20.26 13.84 8.76
N SER B 352 -19.34 13.82 9.72
CA SER B 352 -19.47 12.94 10.87
C SER B 352 -19.98 13.65 12.12
N ASP B 353 -19.86 14.97 12.18
CA ASP B 353 -20.32 15.74 13.34
C ASP B 353 -21.54 16.55 12.90
N LEU B 354 -22.71 16.12 13.36
CA LEU B 354 -23.97 16.78 13.07
C LEU B 354 -24.54 17.50 14.29
N SER B 355 -23.71 17.81 15.28
CA SER B 355 -24.21 18.40 16.51
C SER B 355 -24.99 19.66 16.24
N THR B 356 -24.68 20.38 15.16
CA THR B 356 -25.41 21.58 14.83
C THR B 356 -26.69 21.30 14.04
N TYR B 357 -26.80 20.14 13.40
CA TYR B 357 -27.92 19.85 12.52
C TYR B 357 -29.20 19.62 13.32
N HIS B 358 -30.32 19.86 12.64
CA HIS B 358 -31.65 19.51 13.14
C HIS B 358 -32.11 18.27 12.37
N ILE B 359 -31.98 17.11 13.01
CA ILE B 359 -32.37 15.85 12.41
C ILE B 359 -33.78 15.54 12.87
N ALA B 360 -34.74 15.64 11.97
CA ALA B 360 -36.14 15.41 12.26
C ALA B 360 -36.55 14.04 11.75
N ASN B 361 -37.43 13.38 12.50
CA ASN B 361 -37.94 12.09 12.07
C ASN B 361 -38.67 12.25 10.74
N LYS B 362 -38.33 11.40 9.77
CA LYS B 362 -38.90 11.53 8.44
C LYS B 362 -40.24 10.82 8.33
N ARG B 363 -40.57 9.94 9.27
CA ARG B 363 -41.85 9.26 9.28
C ARG B 363 -42.90 10.16 9.93
N ALA B 364 -44.06 10.26 9.31
CA ALA B 364 -45.14 11.07 9.86
C ALA B 364 -45.72 10.43 11.11
N ARG B 365 -46.13 11.27 12.05
CA ARG B 365 -46.89 10.79 13.18
C ARG B 365 -48.26 10.31 12.72
N MET B 366 -48.76 9.26 13.38
CA MET B 366 -50.13 8.81 13.12
C MET B 366 -51.13 9.89 13.48
N VAL B 367 -50.91 10.57 14.60
CA VAL B 367 -51.81 11.57 15.12
C VAL B 367 -50.99 12.74 15.65
N GLU B 368 -51.58 13.93 15.62
CA GLU B 368 -50.91 15.12 16.11
C GLU B 368 -50.58 14.99 17.58
N ALA B 369 -49.44 15.57 17.98
CA ALA B 369 -49.04 15.55 19.37
C ALA B 369 -50.04 16.28 20.26
N LYS B 370 -50.92 17.08 19.66
CA LYS B 370 -51.96 17.83 20.38
C LYS B 370 -52.90 16.88 21.13
N LEU B 371 -53.37 15.83 20.46
CA LEU B 371 -54.23 14.82 21.05
C LEU B 371 -53.42 13.72 21.71
N HIS C 60 13.61 6.18 -27.64
CA HIS C 60 13.18 5.22 -26.62
C HIS C 60 13.29 3.78 -27.12
N SER C 61 13.86 3.59 -28.32
CA SER C 61 13.92 2.25 -28.90
C SER C 61 14.82 1.32 -28.08
N LYS C 62 15.98 1.80 -27.65
CA LYS C 62 16.89 0.97 -26.87
C LYS C 62 16.26 0.54 -25.56
N HIS C 63 15.51 1.45 -24.93
CA HIS C 63 14.82 1.12 -23.70
C HIS C 63 13.82 -0.01 -23.91
N PHE C 64 13.07 0.02 -25.02
CA PHE C 64 12.14 -1.07 -25.30
C PHE C 64 12.90 -2.35 -25.61
N SER C 65 14.06 -2.25 -26.26
CA SER C 65 14.87 -3.44 -26.52
C SER C 65 15.31 -4.11 -25.21
N VAL C 66 15.72 -3.32 -24.22
CA VAL C 66 16.15 -3.93 -22.96
C VAL C 66 14.94 -4.40 -22.14
N ILE C 67 13.85 -3.63 -22.17
CA ILE C 67 12.64 -3.98 -21.43
C ILE C 67 12.01 -5.27 -21.97
N GLY C 68 12.08 -6.37 -21.22
CA GLY C 68 11.51 -7.62 -21.68
C GLY C 68 12.59 -8.64 -21.99
N ASN C 69 13.61 -8.09 -22.64
CA ASN C 69 14.82 -8.76 -23.08
C ASN C 69 16.00 -8.36 -22.21
N PRO C 70 16.17 -8.95 -21.00
CA PRO C 70 17.36 -8.45 -20.27
C PRO C 70 18.71 -8.65 -20.96
N PHE C 71 18.90 -9.78 -21.63
CA PHE C 71 20.12 -10.01 -22.38
C PHE C 71 20.01 -9.22 -23.68
N SER C 72 20.47 -7.97 -23.63
CA SER C 72 20.33 -7.01 -24.72
C SER C 72 21.33 -5.90 -24.50
N LYS C 73 22.30 -5.77 -25.40
CA LYS C 73 23.30 -4.69 -25.32
C LYS C 73 22.89 -3.47 -26.14
N ALA C 74 21.66 -3.00 -25.92
CA ALA C 74 21.13 -1.85 -26.66
C ALA C 74 21.52 -0.53 -26.02
N THR C 75 21.41 -0.43 -24.69
CA THR C 75 21.74 0.80 -23.98
C THR C 75 22.19 0.45 -22.57
N GLN C 76 23.19 1.15 -22.09
CA GLN C 76 23.63 0.98 -20.71
C GLN C 76 22.76 1.79 -19.73
N GLN C 77 21.65 2.35 -20.19
CA GLN C 77 20.75 3.14 -19.35
C GLN C 77 19.29 2.72 -19.57
N PRO C 78 18.91 1.51 -19.17
CA PRO C 78 17.54 1.03 -19.40
C PRO C 78 16.54 1.53 -18.37
N GLN C 79 15.41 2.07 -18.85
CA GLN C 79 14.35 2.58 -18.00
C GLN C 79 13.00 2.24 -18.62
N ILE C 80 11.98 2.16 -17.78
CA ILE C 80 10.60 1.99 -18.24
C ILE C 80 10.03 3.39 -18.53
N PRO C 81 9.64 3.70 -19.76
CA PRO C 81 9.22 5.07 -20.10
C PRO C 81 7.72 5.30 -19.92
N ASP C 82 7.24 5.12 -18.70
CA ASP C 82 5.82 5.27 -18.39
C ASP C 82 5.54 6.52 -17.56
N GLY C 83 6.56 7.29 -17.20
CA GLY C 83 6.39 8.49 -16.41
C GLY C 83 6.23 8.29 -14.92
N ARG C 84 6.35 7.06 -14.42
CA ARG C 84 6.16 6.80 -13.00
C ARG C 84 7.44 6.96 -12.18
N MET C 85 8.58 7.18 -12.82
CA MET C 85 9.82 7.50 -12.13
C MET C 85 10.53 8.60 -12.93
N LEU C 86 10.23 9.85 -12.58
CA LEU C 86 10.89 10.96 -13.23
C LEU C 86 12.32 11.07 -12.75
N GLU C 87 13.24 11.27 -13.70
CA GLU C 87 14.67 11.38 -13.46
C GLU C 87 15.17 10.29 -12.51
N SER C 88 15.08 9.05 -12.98
CA SER C 88 15.64 7.92 -12.27
C SER C 88 17.02 7.56 -12.83
N LEU C 89 17.59 6.47 -12.34
CA LEU C 89 18.95 6.04 -12.66
C LEU C 89 18.91 4.56 -13.00
N PRO C 90 19.33 4.16 -14.19
CA PRO C 90 19.42 2.74 -14.52
C PRO C 90 20.57 2.05 -13.81
N ARG C 91 20.45 0.74 -13.67
CA ARG C 91 21.51 -0.07 -13.08
C ARG C 91 21.43 -1.49 -13.62
N ARG C 92 22.40 -1.89 -14.42
CA ARG C 92 22.49 -3.24 -14.94
C ARG C 92 23.41 -4.04 -14.02
N CYS C 93 22.87 -5.07 -13.37
CA CYS C 93 23.67 -5.92 -12.50
C CYS C 93 23.70 -7.32 -13.10
N GLN C 94 24.90 -7.84 -13.30
CA GLN C 94 25.08 -9.13 -13.95
C GLN C 94 25.95 -10.04 -13.10
N LEU C 95 25.66 -11.32 -13.19
CA LEU C 95 26.31 -12.35 -12.39
C LEU C 95 26.50 -13.59 -13.26
N VAL C 96 27.64 -14.23 -13.13
CA VAL C 96 27.91 -15.50 -13.80
C VAL C 96 28.38 -16.48 -12.74
N THR C 97 27.85 -17.70 -12.78
CA THR C 97 28.26 -18.69 -11.79
C THR C 97 28.01 -20.08 -12.36
N GLU C 98 28.30 -21.10 -11.55
CA GLU C 98 28.05 -22.49 -11.92
C GLU C 98 27.08 -23.10 -10.92
N ILE C 99 26.06 -23.78 -11.43
CA ILE C 99 25.11 -24.51 -10.60
C ILE C 99 25.29 -25.99 -10.89
N ARG C 100 25.55 -26.75 -9.84
CA ARG C 100 25.77 -28.18 -9.94
C ARG C 100 25.07 -28.80 -8.76
N ASN C 101 24.28 -29.85 -9.00
CA ASN C 101 23.57 -30.50 -7.91
C ASN C 101 24.57 -31.25 -7.04
N ASN C 102 24.43 -31.10 -5.73
CA ASN C 102 25.41 -31.67 -4.79
C ASN C 102 25.07 -33.13 -4.51
N VAL C 103 25.94 -33.79 -3.75
CA VAL C 103 25.79 -35.22 -3.50
C VAL C 103 24.60 -35.51 -2.57
N THR C 104 24.31 -34.61 -1.63
CA THR C 104 23.35 -34.93 -0.58
C THR C 104 21.91 -34.95 -1.08
N VAL C 105 21.61 -34.21 -2.15
CA VAL C 105 20.26 -34.25 -2.70
C VAL C 105 19.99 -35.56 -3.44
N GLY C 106 21.04 -36.31 -3.79
CA GLY C 106 20.83 -37.61 -4.41
C GLY C 106 20.11 -37.51 -5.74
N SER C 107 19.05 -38.30 -5.89
CA SER C 107 18.25 -38.26 -7.11
C SER C 107 17.02 -37.36 -7.00
N ASN C 108 16.78 -36.76 -5.85
CA ASN C 108 15.69 -35.81 -5.72
C ASN C 108 15.91 -34.63 -6.65
N PRO C 109 14.83 -34.05 -7.19
CA PRO C 109 14.98 -32.89 -8.09
C PRO C 109 15.53 -31.67 -7.38
N THR C 110 16.26 -30.86 -8.13
CA THR C 110 16.76 -29.57 -7.64
C THR C 110 15.96 -28.45 -8.28
N TYR C 111 16.24 -27.21 -7.87
CA TYR C 111 15.44 -26.07 -8.30
C TYR C 111 16.30 -24.84 -8.52
N ILE C 112 15.81 -23.95 -9.37
CA ILE C 112 16.29 -22.59 -9.48
C ILE C 112 15.09 -21.65 -9.43
N LEU C 113 15.12 -20.70 -8.50
CA LEU C 113 14.06 -19.71 -8.33
C LEU C 113 14.58 -18.36 -8.76
N VAL C 114 13.86 -17.70 -9.65
CA VAL C 114 14.13 -16.32 -10.04
C VAL C 114 12.96 -15.49 -9.55
N ALA C 115 13.24 -14.62 -8.58
CA ALA C 115 12.24 -13.80 -7.92
C ALA C 115 12.58 -12.32 -8.05
N PRO C 116 11.61 -11.46 -7.90
CA PRO C 116 11.84 -10.02 -8.14
C PRO C 116 12.40 -9.29 -6.94
N SER C 117 13.04 -10.01 -6.03
CA SER C 117 13.68 -9.45 -4.85
C SER C 117 14.87 -8.55 -5.21
N LEU C 118 15.05 -7.50 -4.42
CA LEU C 118 16.03 -6.46 -4.73
C LEU C 118 17.46 -6.99 -4.52
N GLY C 119 18.28 -6.90 -5.55
CA GLY C 119 19.65 -7.34 -5.47
C GLY C 119 19.86 -8.84 -5.55
N LEU C 120 18.82 -9.63 -5.79
CA LEU C 120 18.95 -11.07 -5.89
C LEU C 120 18.92 -11.48 -7.37
N ALA C 121 19.97 -12.16 -7.82
CA ALA C 121 19.97 -12.72 -9.15
C ALA C 121 19.09 -13.97 -9.23
N PHE C 122 19.33 -14.94 -8.35
CA PHE C 122 18.46 -16.10 -8.22
C PHE C 122 18.86 -16.88 -6.97
N GLN C 123 18.09 -17.93 -6.70
CA GLN C 123 18.30 -18.83 -5.58
C GLN C 123 18.28 -20.25 -6.10
N ALA C 124 19.18 -21.09 -5.59
CA ALA C 124 19.32 -22.47 -6.05
C ALA C 124 19.28 -23.41 -4.88
N TYR C 125 18.54 -24.51 -5.04
CA TYR C 125 18.35 -25.50 -3.99
C TYR C 125 19.31 -26.66 -4.17
N GLN C 126 20.01 -27.01 -3.10
CA GLN C 126 20.93 -28.16 -3.05
C GLN C 126 21.89 -28.18 -4.24
N ASP C 127 22.60 -27.08 -4.43
CA ASP C 127 23.74 -27.07 -5.32
C ASP C 127 25.01 -27.20 -4.48
N THR C 128 26.17 -27.09 -5.11
CA THR C 128 27.43 -27.37 -4.42
C THR C 128 27.97 -26.15 -3.67
N ASN C 129 27.25 -25.03 -3.68
CA ASN C 129 27.64 -23.84 -2.93
C ASN C 129 26.78 -23.61 -1.69
N VAL C 130 25.96 -24.57 -1.28
CA VAL C 130 25.08 -24.32 -0.13
C VAL C 130 25.93 -24.17 1.12
N PRO C 131 25.74 -23.12 1.93
CA PRO C 131 26.63 -22.90 3.07
C PRO C 131 26.15 -23.58 4.33
N GLY C 132 27.05 -24.26 5.04
CA GLY C 132 26.72 -24.79 6.35
C GLY C 132 25.51 -25.69 6.30
N GLY C 133 24.56 -25.44 7.19
CA GLY C 133 23.36 -26.23 7.31
C GLY C 133 22.19 -25.81 6.44
N LEU C 134 22.36 -24.82 5.57
CA LEU C 134 21.27 -24.39 4.70
C LEU C 134 21.25 -25.19 3.41
N ASP C 135 20.06 -25.45 2.89
CA ASP C 135 19.87 -26.30 1.73
C ASP C 135 19.79 -25.54 0.40
N SER C 136 19.87 -24.22 0.41
CA SER C 136 19.83 -23.45 -0.82
C SER C 136 20.92 -22.40 -0.79
N SER C 137 21.26 -21.91 -1.97
CA SER C 137 22.25 -20.86 -2.15
C SER C 137 21.57 -19.62 -2.71
N VAL C 138 21.95 -18.47 -2.20
CA VAL C 138 21.55 -17.20 -2.75
C VAL C 138 22.70 -16.66 -3.58
N TYR C 139 22.39 -16.17 -4.77
CA TYR C 139 23.34 -15.50 -5.63
C TYR C 139 22.84 -14.06 -5.72
N GLY C 140 23.43 -13.21 -4.90
CA GLY C 140 23.06 -11.81 -4.83
C GLY C 140 24.08 -10.95 -5.53
N LEU C 141 23.66 -9.73 -5.85
CA LEU C 141 24.51 -8.78 -6.56
C LEU C 141 25.04 -7.79 -5.53
N GLN C 142 26.28 -8.02 -5.07
CA GLN C 142 26.88 -7.24 -4.00
C GLN C 142 27.85 -6.21 -4.56
N ASN C 143 28.21 -5.24 -3.72
CA ASN C 143 29.10 -4.15 -4.11
C ASN C 143 28.64 -3.51 -5.42
N ARG C 144 27.33 -3.36 -5.57
CA ARG C 144 26.77 -2.80 -6.81
C ARG C 144 25.78 -1.67 -6.54
N GLY C 145 25.63 -1.23 -5.31
CA GLY C 145 24.79 -0.10 -5.00
C GLY C 145 23.31 -0.40 -4.88
N CYS C 146 22.92 -1.67 -4.84
CA CYS C 146 21.51 -2.05 -4.83
C CYS C 146 21.21 -3.08 -3.76
N THR C 147 21.87 -2.99 -2.61
CA THR C 147 21.69 -3.94 -1.52
C THR C 147 21.55 -3.18 -0.21
N VAL C 148 20.87 -3.81 0.75
CA VAL C 148 20.77 -3.30 2.10
C VAL C 148 21.70 -4.13 3.00
N ARG C 149 21.93 -3.66 4.22
CA ARG C 149 22.87 -4.34 5.09
C ARG C 149 22.33 -4.40 6.52
N ALA C 150 23.03 -5.14 7.38
CA ALA C 150 22.54 -5.46 8.72
C ALA C 150 23.21 -4.57 9.75
N ASN C 151 22.52 -3.52 10.17
CA ASN C 151 22.98 -2.63 11.22
C ASN C 151 22.59 -3.22 12.58
N LEU C 152 23.26 -4.33 12.94
CA LEU C 152 22.90 -5.05 14.16
C LEU C 152 23.12 -4.20 15.40
N SER C 153 24.09 -3.29 15.39
CA SER C 153 24.34 -2.46 16.56
C SER C 153 23.15 -1.57 16.85
N ALA C 154 22.63 -0.89 15.83
CA ALA C 154 21.39 -0.15 15.96
C ALA C 154 20.15 -1.02 15.82
N THR C 155 20.34 -2.32 15.54
CA THR C 155 19.26 -3.29 15.43
C THR C 155 18.27 -2.89 14.33
N SER C 156 18.80 -2.53 13.17
CA SER C 156 18.00 -2.12 12.04
C SER C 156 18.57 -2.71 10.75
N ILE C 157 17.77 -2.67 9.70
CA ILE C 157 18.19 -2.99 8.34
C ILE C 157 18.48 -1.67 7.66
N GLU C 158 19.75 -1.45 7.32
CA GLU C 158 20.22 -0.16 6.87
C GLU C 158 20.22 -0.09 5.35
N ASN C 159 19.60 0.97 4.84
CA ASN C 159 19.63 1.32 3.42
C ASN C 159 20.85 2.21 3.20
N TYR C 160 22.02 1.56 3.12
CA TYR C 160 23.29 2.27 3.15
C TYR C 160 23.60 2.98 1.84
N ASN C 161 23.07 2.51 0.73
CA ASN C 161 23.16 3.24 -0.53
C ASN C 161 22.12 4.33 -0.64
N ASP C 162 21.19 4.45 0.31
CA ASP C 162 20.10 5.42 0.27
C ASP C 162 19.35 5.36 -1.07
N ILE C 163 18.69 4.24 -1.29
CA ILE C 163 17.71 4.14 -2.37
C ILE C 163 16.36 4.61 -1.84
N ALA C 164 15.80 5.64 -2.46
CA ALA C 164 14.48 6.11 -2.09
C ALA C 164 13.39 5.25 -2.74
N LYS C 165 13.45 5.07 -4.05
CA LYS C 165 12.45 4.31 -4.80
C LYS C 165 13.16 3.38 -5.78
N TRP C 166 12.52 2.25 -6.08
CA TRP C 166 13.14 1.28 -6.98
C TRP C 166 12.09 0.40 -7.63
N ARG C 167 12.40 -0.05 -8.85
CA ARG C 167 11.64 -1.08 -9.54
C ARG C 167 12.58 -1.80 -10.49
N ILE C 168 12.06 -2.85 -11.14
CA ILE C 168 12.84 -3.72 -12.01
C ILE C 168 12.46 -3.44 -13.46
N VAL C 169 13.44 -3.00 -14.25
CA VAL C 169 13.20 -2.83 -15.67
C VAL C 169 13.15 -4.19 -16.37
N SER C 170 13.98 -5.13 -15.96
CA SER C 170 13.85 -6.49 -16.49
C SER C 170 14.81 -7.40 -15.74
N GLN C 171 14.62 -8.69 -15.88
CA GLN C 171 15.36 -9.65 -15.08
C GLN C 171 15.25 -11.01 -15.74
N GLY C 172 16.35 -11.75 -15.79
CA GLY C 172 16.31 -13.04 -16.46
C GLY C 172 17.59 -13.83 -16.28
N ILE C 173 17.52 -15.10 -16.69
CA ILE C 173 18.65 -16.00 -16.64
C ILE C 173 18.74 -16.81 -17.92
N ASN C 174 19.94 -17.27 -18.21
CA ASN C 174 20.23 -18.23 -19.27
C ASN C 174 21.16 -19.28 -18.68
N LEU C 175 20.90 -20.54 -19.00
CA LEU C 175 21.65 -21.65 -18.45
C LEU C 175 22.24 -22.47 -19.59
N LYS C 176 23.48 -22.94 -19.41
CA LYS C 176 24.12 -23.77 -20.42
C LYS C 176 24.80 -24.96 -19.77
N LEU C 177 24.42 -26.16 -20.21
CA LEU C 177 25.06 -27.39 -19.73
C LEU C 177 26.47 -27.51 -20.30
N ASN C 178 27.42 -27.89 -19.44
CA ASN C 178 28.83 -27.97 -19.82
C ASN C 178 29.45 -29.34 -19.53
N ASN C 179 28.63 -30.38 -19.40
CA ASN C 179 29.13 -31.74 -19.23
C ASN C 179 29.61 -32.31 -20.56
N VAL C 180 30.57 -33.25 -20.49
CA VAL C 180 30.97 -33.96 -21.71
C VAL C 180 29.78 -34.76 -22.25
N GLU C 181 29.83 -35.08 -23.55
CA GLU C 181 28.68 -35.68 -24.21
C GLU C 181 28.35 -37.07 -23.68
N ASP C 182 29.29 -37.75 -23.00
CA ASP C 182 28.99 -39.01 -22.35
C ASP C 182 28.36 -38.84 -20.98
N GLU C 183 28.12 -37.60 -20.53
CA GLU C 183 27.50 -37.35 -19.24
C GLU C 183 26.47 -36.23 -19.36
N ASN C 184 25.81 -36.11 -20.51
CA ASN C 184 25.01 -34.94 -20.84
C ASN C 184 23.51 -35.23 -20.82
N ASP C 185 23.05 -36.05 -19.89
CA ASP C 185 21.64 -36.39 -19.75
C ASP C 185 20.97 -35.45 -18.74
N GLY C 186 19.74 -35.74 -18.38
CA GLY C 186 18.96 -34.88 -17.50
C GLY C 186 17.96 -34.04 -18.28
N TRP C 187 16.89 -33.64 -17.59
CA TRP C 187 15.85 -32.83 -18.21
C TRP C 187 15.33 -31.83 -17.18
N TYR C 188 14.33 -31.05 -17.57
CA TYR C 188 13.89 -29.94 -16.74
C TYR C 188 12.47 -29.55 -17.11
N GLU C 189 11.79 -28.93 -16.15
CA GLU C 189 10.54 -28.21 -16.40
C GLU C 189 10.68 -26.81 -15.85
N ALA C 190 9.88 -25.89 -16.37
CA ALA C 190 9.92 -24.50 -15.95
C ALA C 190 8.53 -23.90 -16.05
N CYS C 191 8.28 -22.93 -15.18
CA CYS C 191 7.00 -22.24 -15.19
C CYS C 191 7.18 -20.87 -14.55
N ARG C 192 6.20 -20.01 -14.80
CA ARG C 192 6.09 -18.76 -14.06
C ARG C 192 4.81 -18.78 -13.26
N PHE C 193 4.82 -18.05 -12.15
CA PHE C 193 3.68 -18.06 -11.25
C PHE C 193 3.65 -16.76 -10.45
N GLN C 194 2.53 -16.55 -9.77
CA GLN C 194 2.20 -15.32 -9.07
C GLN C 194 1.75 -15.66 -7.65
N HIS C 195 2.61 -16.36 -6.92
CA HIS C 195 2.28 -16.86 -5.59
C HIS C 195 1.93 -15.73 -4.64
N ASP C 196 1.05 -16.03 -3.68
CA ASP C 196 0.66 -15.08 -2.64
C ASP C 196 1.55 -15.31 -1.42
N TRP C 197 2.65 -14.57 -1.35
CA TRP C 197 3.66 -14.80 -0.34
C TRP C 197 3.19 -14.38 1.06
N THR C 198 3.62 -15.14 2.04
CA THR C 198 3.57 -14.82 3.45
C THR C 198 4.98 -14.59 3.98
N PRO C 199 5.20 -13.63 4.88
CA PRO C 199 6.58 -13.35 5.32
C PRO C 199 7.28 -14.52 5.99
N ASP C 200 6.57 -15.38 6.72
CA ASP C 200 7.26 -16.49 7.35
C ASP C 200 7.77 -17.52 6.34
N GLU C 201 7.40 -17.39 5.06
CA GLU C 201 8.02 -18.17 4.00
C GLU C 201 9.30 -17.55 3.47
N LEU C 202 9.54 -16.27 3.76
CA LEU C 202 10.69 -15.54 3.29
C LEU C 202 11.72 -15.41 4.40
N CYS C 203 12.88 -14.84 4.07
CA CYS C 203 13.95 -14.69 5.03
C CYS C 203 15.03 -13.78 4.46
N LEU C 204 15.92 -13.35 5.34
CA LEU C 204 17.07 -12.53 4.97
C LEU C 204 18.32 -13.40 4.92
N ARG C 205 19.07 -13.29 3.83
CA ARG C 205 20.27 -14.06 3.60
C ARG C 205 21.43 -13.11 3.33
N SER C 206 22.57 -13.38 3.95
CA SER C 206 23.77 -12.65 3.59
C SER C 206 24.15 -12.98 2.15
N THR C 207 24.45 -11.94 1.36
CA THR C 207 24.79 -12.19 -0.03
C THR C 207 26.06 -13.02 -0.15
N GLU C 208 26.87 -13.02 0.91
CA GLU C 208 28.12 -13.78 0.96
C GLU C 208 27.92 -15.29 0.80
N ASN C 209 26.71 -15.77 1.09
CA ASN C 209 26.36 -17.18 0.97
C ASN C 209 27.35 -18.08 1.70
N ASP C 210 27.76 -17.64 2.89
CA ASP C 210 28.82 -18.28 3.66
C ASP C 210 28.24 -18.99 4.88
N ALA C 211 29.11 -19.73 5.58
CA ALA C 211 28.71 -20.59 6.69
C ALA C 211 28.91 -19.93 8.04
N SER C 212 28.64 -18.64 8.16
CA SER C 212 28.79 -17.93 9.41
C SER C 212 27.53 -17.12 9.70
N THR C 213 27.37 -16.75 10.97
CA THR C 213 26.25 -15.92 11.37
C THR C 213 26.34 -14.56 10.69
N ILE C 214 25.18 -13.93 10.48
CA ILE C 214 25.15 -12.58 9.92
C ILE C 214 25.79 -11.63 10.92
N SER C 215 26.81 -10.91 10.46
CA SER C 215 27.60 -10.03 11.32
C SER C 215 27.27 -8.57 11.00
N GLN C 216 27.92 -7.68 11.73
CA GLN C 216 27.70 -6.24 11.55
C GLN C 216 28.04 -5.81 10.14
N ASP C 217 27.15 -5.03 9.53
CA ASP C 217 27.32 -4.48 8.20
C ASP C 217 27.33 -5.56 7.12
N GLU C 218 26.64 -6.68 7.33
CA GLU C 218 26.58 -7.74 6.33
C GLU C 218 25.54 -7.39 5.25
N ASP C 219 25.93 -7.57 3.99
CA ASP C 219 25.00 -7.37 2.88
C ASP C 219 23.91 -8.44 2.90
N LEU C 220 22.67 -8.05 2.63
CA LEU C 220 21.53 -8.96 2.74
C LEU C 220 20.62 -8.86 1.53
N VAL C 221 19.99 -9.98 1.20
CA VAL C 221 18.93 -10.04 0.20
C VAL C 221 17.80 -10.89 0.78
N MET C 222 16.59 -10.65 0.27
CA MET C 222 15.45 -11.50 0.61
C MET C 222 15.46 -12.75 -0.25
N GLY C 223 15.33 -13.90 0.40
CA GLY C 223 15.10 -15.16 -0.28
C GLY C 223 13.94 -15.88 0.36
N VAL C 224 13.68 -17.07 -0.11
CA VAL C 224 12.69 -17.94 0.52
C VAL C 224 13.43 -18.86 1.47
N ILE C 225 12.74 -19.33 2.51
CA ILE C 225 13.35 -20.31 3.38
C ILE C 225 13.63 -21.58 2.59
N SER C 226 14.73 -22.26 2.92
CA SER C 226 15.17 -23.40 2.12
C SER C 226 14.13 -24.50 2.09
N SER C 227 13.48 -24.77 3.23
CA SER C 227 12.50 -25.84 3.32
C SER C 227 11.29 -25.61 2.41
N SER C 228 11.09 -24.40 1.91
CA SER C 228 10.03 -24.19 0.92
C SER C 228 10.22 -25.11 -0.28
N PHE C 229 11.47 -25.37 -0.66
CA PHE C 229 11.72 -26.28 -1.77
C PHE C 229 11.37 -27.72 -1.39
N MET C 230 11.53 -28.08 -0.13
CA MET C 230 11.30 -29.46 0.29
C MET C 230 9.83 -29.74 0.56
N ASN C 231 9.18 -28.89 1.36
CA ASN C 231 7.81 -29.18 1.76
C ASN C 231 6.92 -27.93 1.82
N GLY C 232 7.30 -26.84 1.17
CA GLY C 232 6.50 -25.63 1.21
C GLY C 232 5.85 -25.25 -0.10
N ALA C 233 5.73 -23.94 -0.35
CA ALA C 233 5.05 -23.50 -1.56
C ALA C 233 5.76 -23.98 -2.82
N LEU C 234 7.09 -23.89 -2.84
CA LEU C 234 7.81 -24.20 -4.07
C LEU C 234 7.76 -25.69 -4.39
N ASN C 235 7.75 -26.55 -3.38
CA ASN C 235 7.51 -27.97 -3.62
C ASN C 235 6.15 -28.20 -4.27
N THR C 236 5.12 -27.52 -3.78
CA THR C 236 3.77 -27.67 -4.34
C THR C 236 3.73 -27.22 -5.80
N ILE C 237 4.31 -26.06 -6.10
CA ILE C 237 4.37 -25.59 -7.48
C ILE C 237 5.17 -26.55 -8.35
N GLY C 238 6.30 -27.05 -7.85
CA GLY C 238 7.11 -27.97 -8.62
C GLY C 238 6.42 -29.29 -8.88
N ASN C 239 5.62 -29.76 -7.93
CA ASN C 239 4.85 -30.97 -8.14
C ASN C 239 3.68 -30.77 -9.09
N ASN C 240 3.22 -29.54 -9.28
CA ASN C 240 2.07 -29.30 -10.16
C ASN C 240 2.43 -28.33 -11.29
N MET C 241 3.68 -28.40 -11.75
CA MET C 241 4.19 -27.52 -12.81
C MET C 241 3.29 -27.46 -14.05
N VAL C 242 2.73 -28.59 -14.52
CA VAL C 242 2.05 -28.57 -15.81
C VAL C 242 0.86 -27.62 -15.80
N GLU C 243 0.24 -27.40 -14.65
CA GLU C 243 -0.91 -26.51 -14.57
C GLU C 243 -0.53 -25.04 -14.44
N GLN C 244 0.76 -24.73 -14.34
CA GLN C 244 1.23 -23.37 -14.19
C GLN C 244 1.28 -22.65 -15.54
N ARG C 245 1.27 -21.33 -15.48
CA ARG C 245 1.35 -20.53 -16.69
C ARG C 245 2.73 -20.63 -17.34
N GLY C 246 2.75 -20.59 -18.66
CA GLY C 246 3.98 -20.64 -19.41
C GLY C 246 4.73 -21.95 -19.31
N TYR C 247 4.04 -23.06 -19.03
CA TYR C 247 4.74 -24.30 -18.77
C TYR C 247 5.64 -24.68 -19.95
N GLU C 248 6.87 -25.05 -19.66
CA GLU C 248 7.77 -25.59 -20.67
C GLU C 248 8.57 -26.71 -20.05
N SER C 249 8.99 -27.66 -20.88
CA SER C 249 9.84 -28.74 -20.43
C SER C 249 10.80 -29.12 -21.54
N GLY C 250 11.97 -29.61 -21.17
CA GLY C 250 12.95 -29.96 -22.18
C GLY C 250 14.13 -30.72 -21.61
N LEU C 251 15.12 -30.93 -22.48
CA LEU C 251 16.36 -31.55 -22.07
C LEU C 251 17.38 -30.48 -21.71
N LEU C 252 18.25 -30.81 -20.77
CA LEU C 252 19.29 -29.87 -20.34
C LEU C 252 20.29 -29.57 -21.45
N LYS C 253 20.63 -30.56 -22.26
CA LYS C 253 21.56 -30.32 -23.36
C LYS C 253 21.06 -29.24 -24.32
N ASN C 254 19.77 -28.95 -24.30
CA ASN C 254 19.19 -27.92 -25.15
C ASN C 254 18.80 -26.66 -24.39
N ILE C 255 18.92 -26.65 -23.05
CA ILE C 255 18.40 -25.54 -22.26
C ILE C 255 19.10 -24.22 -22.58
N HIS C 256 20.27 -24.24 -23.20
CA HIS C 256 20.94 -23.00 -23.57
C HIS C 256 20.16 -22.21 -24.62
N LYS C 257 19.23 -22.86 -25.33
CA LYS C 257 18.43 -22.13 -26.30
C LYS C 257 17.42 -21.18 -25.67
N ARG C 258 17.21 -21.25 -24.36
CA ARG C 258 16.11 -20.54 -23.69
C ARG C 258 16.62 -19.36 -22.85
N MET C 259 15.76 -18.34 -22.74
CA MET C 259 16.01 -17.19 -21.94
C MET C 259 14.76 -17.11 -21.03
N PHE C 260 14.93 -17.22 -19.72
CA PHE C 260 13.87 -17.16 -18.74
C PHE C 260 13.87 -15.75 -18.15
N GLN C 261 12.85 -14.96 -18.48
CA GLN C 261 12.73 -13.61 -17.98
C GLN C 261 11.49 -13.49 -17.11
N LEU C 262 11.57 -12.63 -16.10
CA LEU C 262 10.41 -12.33 -15.29
C LEU C 262 9.41 -11.50 -16.09
N HIS C 263 8.14 -11.60 -15.79
CA HIS C 263 7.17 -10.81 -16.47
C HIS C 263 6.41 -10.06 -15.42
N ASN C 264 5.95 -8.91 -15.76
CA ASN C 264 5.11 -8.07 -14.92
C ASN C 264 3.66 -8.53 -15.00
N ASN C 265 2.95 -8.47 -13.88
CA ASN C 265 1.53 -8.81 -13.83
C ASN C 265 0.63 -7.60 -14.01
N THR C 266 1.20 -6.41 -14.21
CA THR C 266 0.45 -5.18 -14.44
C THR C 266 1.22 -4.33 -15.43
N SER C 267 0.50 -3.46 -16.13
CA SER C 267 1.13 -2.46 -16.99
C SER C 267 1.46 -1.16 -16.25
N ALA C 268 1.07 -1.04 -14.99
CA ALA C 268 1.33 0.14 -14.18
C ALA C 268 2.21 -0.29 -13.01
N ILE C 269 3.52 -0.34 -13.24
CA ILE C 269 4.47 -0.85 -12.26
C ILE C 269 4.91 0.32 -11.39
N ARG C 270 4.54 0.29 -10.14
CA ARG C 270 4.86 1.38 -9.23
C ARG C 270 6.09 1.05 -8.41
N PRO C 271 7.05 1.96 -8.29
CA PRO C 271 8.24 1.67 -7.49
C PRO C 271 7.91 1.43 -6.03
N LYS C 272 8.69 0.54 -5.42
CA LYS C 272 8.66 0.35 -3.97
C LYS C 272 9.52 1.41 -3.29
N THR C 273 9.21 1.70 -2.04
CA THR C 273 9.92 2.72 -1.28
C THR C 273 10.74 2.08 -0.16
N LEU C 274 11.81 2.75 0.24
CA LEU C 274 12.69 2.28 1.31
C LEU C 274 13.06 3.44 2.24
N GLN C 275 13.12 3.14 3.53
CA GLN C 275 13.63 4.11 4.51
C GLN C 275 15.14 4.01 4.61
N GLY C 276 15.75 5.04 5.21
CA GLY C 276 17.17 4.97 5.50
C GLY C 276 17.51 3.85 6.47
N GLN C 277 16.77 3.77 7.57
CA GLN C 277 16.89 2.70 8.54
C GLN C 277 15.53 2.05 8.71
N PHE C 278 15.48 0.73 8.73
CA PHE C 278 14.26 0.00 9.03
C PHE C 278 14.48 -0.77 10.32
N ASN C 279 13.94 -0.27 11.42
CA ASN C 279 14.20 -0.86 12.71
C ASN C 279 13.34 -2.10 12.92
N TYR C 280 13.92 -3.12 13.53
CA TYR C 280 13.25 -4.39 13.75
C TYR C 280 13.31 -4.77 15.22
N GLY C 281 12.28 -5.47 15.67
CA GLY C 281 12.22 -6.07 16.99
C GLY C 281 12.52 -7.55 16.94
N SER C 282 11.91 -8.30 17.86
CA SER C 282 12.17 -9.74 17.97
C SER C 282 11.52 -10.54 16.86
N GLU C 283 10.69 -9.93 16.02
CA GLU C 283 10.06 -10.64 14.91
C GLU C 283 11.07 -11.06 13.84
N ILE C 284 12.28 -10.53 13.84
CA ILE C 284 13.35 -11.01 12.97
C ILE C 284 14.33 -11.77 13.86
N THR C 285 14.43 -13.08 13.65
CA THR C 285 15.28 -13.94 14.47
C THR C 285 16.52 -14.30 13.66
N PHE C 286 17.67 -13.82 14.11
CA PHE C 286 18.93 -14.14 13.47
C PHE C 286 19.44 -15.48 13.98
N SER C 287 19.80 -16.35 13.04
CA SER C 287 20.35 -17.66 13.38
C SER C 287 21.62 -17.51 14.21
N GLY C 288 21.79 -18.40 15.18
CA GLY C 288 23.05 -18.45 15.90
C GLY C 288 24.18 -19.10 15.12
N THR C 289 23.85 -19.83 14.07
CA THR C 289 24.84 -20.57 13.29
C THR C 289 24.91 -20.17 11.83
N GLU C 290 23.77 -20.06 11.16
CA GLU C 290 23.72 -19.81 9.73
C GLU C 290 23.68 -18.33 9.42
N SER C 291 23.89 -18.01 8.15
CA SER C 291 23.78 -16.64 7.64
C SER C 291 22.34 -16.35 7.20
N GLU C 292 21.42 -16.55 8.14
CA GLU C 292 20.00 -16.49 7.84
C GLU C 292 19.25 -15.83 8.99
N ALA C 293 18.29 -14.98 8.64
CA ALA C 293 17.37 -14.40 9.61
C ALA C 293 15.94 -14.70 9.14
N ARG C 294 15.11 -15.18 10.06
CA ARG C 294 13.76 -15.62 9.74
C ARG C 294 12.72 -14.64 10.28
N PHE C 295 11.56 -14.59 9.60
CA PHE C 295 10.45 -13.72 9.94
C PHE C 295 9.30 -14.49 10.57
N THR C 296 8.57 -13.80 11.43
CA THR C 296 7.19 -14.15 11.73
C THR C 296 6.27 -13.23 10.92
N ASP C 297 5.01 -13.64 10.81
CA ASP C 297 4.03 -12.88 10.02
C ASP C 297 3.40 -11.81 10.90
N VAL C 298 4.10 -10.68 11.01
CA VAL C 298 3.64 -9.53 11.80
C VAL C 298 3.74 -8.28 10.92
N PRO C 299 3.08 -7.19 11.32
CA PRO C 299 3.06 -5.99 10.47
C PRO C 299 4.42 -5.47 10.02
N SER C 300 5.40 -5.43 10.92
CA SER C 300 6.71 -4.92 10.53
C SER C 300 7.33 -5.77 9.43
N ASN C 301 7.22 -7.09 9.55
CA ASN C 301 7.79 -7.97 8.52
C ASN C 301 7.06 -7.83 7.21
N ARG C 302 5.74 -7.62 7.24
CA ARG C 302 5.01 -7.34 6.01
C ARG C 302 5.49 -6.05 5.36
N GLN C 303 5.73 -5.01 6.16
CA GLN C 303 6.27 -3.76 5.59
C GLN C 303 7.64 -3.99 4.96
N LEU C 304 8.51 -4.72 5.64
CA LEU C 304 9.83 -5.00 5.09
C LEU C 304 9.76 -5.82 3.80
N VAL C 305 8.91 -6.85 3.78
CA VAL C 305 8.74 -7.63 2.56
C VAL C 305 8.22 -6.76 1.43
N ASP C 306 7.28 -5.87 1.72
CA ASP C 306 6.78 -4.96 0.70
C ASP C 306 7.91 -4.09 0.15
N SER C 307 8.80 -3.63 1.01
CA SER C 307 9.90 -2.78 0.56
C SER C 307 10.99 -3.54 -0.19
N LEU C 308 11.13 -4.85 0.00
CA LEU C 308 12.22 -5.59 -0.65
C LEU C 308 11.77 -6.59 -1.71
N TRP C 309 10.51 -6.99 -1.72
CA TRP C 309 9.99 -7.95 -2.69
C TRP C 309 8.96 -7.23 -3.53
N HIS C 310 9.25 -7.06 -4.82
CA HIS C 310 8.36 -6.33 -5.72
C HIS C 310 7.26 -7.25 -6.24
N ASN C 311 6.04 -7.07 -5.75
CA ASN C 311 4.93 -7.95 -6.09
C ASN C 311 4.20 -7.55 -7.38
N ASP C 312 4.74 -6.63 -8.17
CA ASP C 312 4.21 -6.36 -9.50
C ASP C 312 4.82 -7.27 -10.56
N TYR C 313 5.64 -8.23 -10.17
CA TYR C 313 6.25 -9.19 -11.08
C TYR C 313 5.94 -10.60 -10.60
N ASP C 314 6.01 -11.53 -11.52
CA ASP C 314 5.87 -12.94 -11.22
C ASP C 314 7.24 -13.58 -10.99
N CYS C 315 7.24 -14.73 -10.34
CA CYS C 315 8.43 -15.54 -10.18
C CYS C 315 8.52 -16.59 -11.29
N ILE C 316 9.75 -17.04 -11.54
CA ILE C 316 10.03 -18.20 -12.39
C ILE C 316 10.60 -19.29 -11.51
N LEU C 317 10.12 -20.51 -11.68
CA LEU C 317 10.67 -21.69 -11.03
C LEU C 317 11.07 -22.69 -12.10
N ILE C 318 12.32 -23.14 -12.04
CA ILE C 318 12.84 -24.20 -12.88
C ILE C 318 13.11 -25.41 -11.99
N LYS C 319 12.52 -26.53 -12.34
CA LYS C 319 12.76 -27.80 -11.67
C LYS C 319 13.68 -28.65 -12.53
N LEU C 320 14.74 -29.17 -11.91
CA LEU C 320 15.81 -29.86 -12.60
C LEU C 320 15.85 -31.33 -12.18
N TYR C 321 15.82 -32.20 -13.18
CA TYR C 321 16.13 -33.61 -13.00
C TYR C 321 17.51 -33.84 -13.61
N PRO C 322 18.58 -33.64 -12.87
CA PRO C 322 19.93 -33.71 -13.45
C PRO C 322 20.50 -35.13 -13.40
N ARG C 323 21.61 -35.29 -14.10
CA ARG C 323 22.47 -36.45 -13.89
C ARG C 323 22.89 -36.49 -12.42
N GLU C 324 22.71 -37.63 -11.77
CA GLU C 324 22.99 -37.69 -10.34
C GLU C 324 24.46 -37.40 -10.05
N ASN C 325 24.70 -36.75 -8.92
CA ASN C 325 26.04 -36.53 -8.41
C ASN C 325 26.24 -37.51 -7.25
N THR C 326 27.12 -38.49 -7.45
CA THR C 326 27.41 -39.49 -6.42
C THR C 326 28.85 -39.46 -5.94
N GLY C 327 29.77 -38.86 -6.69
CA GLY C 327 31.18 -38.92 -6.42
C GLY C 327 31.93 -39.91 -7.29
N ALA C 328 31.28 -41.00 -7.69
CA ALA C 328 31.89 -41.98 -8.59
C ALA C 328 32.32 -41.30 -9.88
N ALA C 329 33.19 -41.98 -10.63
CA ALA C 329 34.05 -41.32 -11.60
C ALA C 329 33.29 -40.40 -12.55
N GLY C 330 32.39 -40.94 -13.34
CA GLY C 330 31.71 -40.13 -14.32
C GLY C 330 30.36 -39.61 -13.87
N GLN C 331 30.14 -39.55 -12.56
CA GLN C 331 28.82 -39.38 -11.95
C GLN C 331 28.82 -38.21 -10.98
N THR C 332 29.25 -37.03 -11.42
CA THR C 332 29.37 -35.86 -10.57
C THR C 332 28.35 -34.76 -10.88
N GLY C 333 27.17 -35.12 -11.36
CA GLY C 333 26.12 -34.16 -11.52
C GLY C 333 26.07 -33.50 -12.88
N SER C 334 25.19 -32.50 -12.97
CA SER C 334 25.03 -31.65 -14.14
C SER C 334 25.52 -30.25 -13.81
N ALA C 335 26.42 -29.72 -14.63
CA ALA C 335 27.01 -28.40 -14.41
C ALA C 335 26.42 -27.40 -15.39
N LEU C 336 25.78 -26.36 -14.86
CA LEU C 336 25.18 -25.31 -15.67
C LEU C 336 25.91 -24.00 -15.44
N ILE C 337 26.39 -23.41 -16.52
CA ILE C 337 26.89 -22.03 -16.50
C ILE C 337 25.67 -21.11 -16.55
N VAL C 338 25.53 -20.27 -15.52
CA VAL C 338 24.37 -19.41 -15.33
C VAL C 338 24.78 -17.96 -15.48
N ASN C 339 23.91 -17.18 -16.11
CA ASN C 339 24.18 -15.80 -16.54
C ASN C 339 23.02 -14.89 -16.15
N ALA C 340 22.70 -14.81 -14.87
CA ALA C 340 21.61 -13.96 -14.41
C ALA C 340 21.87 -12.48 -14.64
N ILE C 341 20.81 -11.73 -14.96
CA ILE C 341 20.87 -10.28 -15.11
C ILE C 341 19.64 -9.64 -14.47
N GLN C 342 19.85 -8.58 -13.69
CA GLN C 342 18.78 -7.76 -13.13
C GLN C 342 19.02 -6.30 -13.51
N ASN C 343 18.13 -5.75 -14.32
CA ASN C 343 18.16 -4.35 -14.74
C ASN C 343 17.17 -3.57 -13.92
N LEU C 344 17.68 -2.63 -13.12
CA LEU C 344 16.93 -1.87 -12.13
C LEU C 344 16.80 -0.41 -12.52
N GLU C 345 15.76 0.22 -11.98
CA GLU C 345 15.53 1.66 -12.07
C GLU C 345 15.46 2.18 -10.64
N LEU C 346 16.36 3.10 -10.29
CA LEU C 346 16.43 3.57 -8.92
C LEU C 346 16.26 5.09 -8.87
N GLN C 347 15.70 5.57 -7.78
CA GLN C 347 15.80 6.97 -7.40
C GLN C 347 16.61 6.98 -6.11
N TYR C 348 17.64 7.81 -6.07
CA TYR C 348 18.50 7.89 -4.91
C TYR C 348 18.20 9.15 -4.13
N SER C 349 18.46 9.10 -2.84
CA SER C 349 18.31 10.23 -1.96
C SER C 349 19.55 11.12 -2.03
N PRO C 350 19.39 12.44 -1.88
CA PRO C 350 20.52 13.36 -2.15
C PRO C 350 21.77 13.04 -1.37
N THR C 351 21.66 12.53 -0.15
CA THR C 351 22.84 12.16 0.62
C THR C 351 23.69 11.10 -0.06
N SER C 352 23.13 10.34 -0.99
CA SER C 352 23.84 9.21 -1.59
C SER C 352 24.96 9.67 -2.51
N ASP C 353 25.96 8.79 -2.66
CA ASP C 353 27.03 9.00 -3.63
C ASP C 353 26.50 9.00 -5.05
N LEU C 354 25.65 8.03 -5.39
CA LEU C 354 25.12 7.85 -6.74
C LEU C 354 23.99 8.82 -7.06
N SER C 355 23.77 9.82 -6.21
CA SER C 355 22.73 10.81 -6.50
C SER C 355 23.08 11.62 -7.74
N THR C 356 24.34 12.02 -7.88
CA THR C 356 24.71 12.97 -8.93
C THR C 356 24.54 12.40 -10.35
N TYR C 357 24.34 11.08 -10.49
CA TYR C 357 24.20 10.46 -11.79
C TYR C 357 22.74 10.26 -12.22
N HIS C 358 21.81 11.03 -11.65
CA HIS C 358 20.41 10.88 -12.03
C HIS C 358 20.19 11.46 -13.43
N ILE C 359 19.27 10.85 -14.16
CA ILE C 359 19.02 11.17 -15.57
C ILE C 359 17.52 11.24 -15.80
N ALA C 360 17.06 12.32 -16.42
CA ALA C 360 15.64 12.49 -16.70
C ALA C 360 15.08 11.29 -17.45
N ASN C 361 13.88 10.84 -17.04
CA ASN C 361 13.17 9.72 -17.67
C ASN C 361 11.76 10.18 -18.00
N LYS C 362 11.51 10.50 -19.27
CA LYS C 362 10.23 11.06 -19.67
C LYS C 362 9.41 10.06 -20.48
N ARG C 363 8.09 10.19 -20.33
CA ARG C 363 7.15 9.21 -20.85
C ARG C 363 7.30 8.99 -22.35
N ALA C 364 7.29 7.73 -22.75
CA ALA C 364 7.25 7.34 -24.16
C ALA C 364 5.81 7.11 -24.59
N ARG C 365 5.53 7.33 -25.87
CA ARG C 365 4.18 7.15 -26.39
C ARG C 365 4.11 5.89 -27.24
N ASP C 378 2.91 -15.24 -22.78
CA ASP C 378 2.98 -15.90 -21.48
C ASP C 378 3.59 -17.29 -21.63
N ALA C 379 4.92 -17.34 -21.60
CA ALA C 379 5.67 -18.58 -21.69
C ALA C 379 6.92 -18.42 -20.86
N ALA C 380 7.35 -19.52 -20.25
CA ALA C 380 8.47 -19.47 -19.32
C ALA C 380 9.76 -19.08 -20.03
N GLY C 381 10.02 -19.67 -21.19
CA GLY C 381 11.23 -19.40 -21.94
C GLY C 381 10.98 -18.82 -23.32
N GLU C 382 11.95 -18.04 -23.80
CA GLU C 382 11.98 -17.49 -25.15
C GLU C 382 13.24 -17.98 -25.84
N PRO C 383 13.33 -17.86 -27.16
CA PRO C 383 14.58 -18.25 -27.84
C PRO C 383 15.76 -17.38 -27.45
N PHE C 384 16.60 -17.84 -26.55
CA PHE C 384 17.77 -17.06 -26.16
C PHE C 384 18.57 -16.61 -27.38
#